data_3K12
#
_entry.id   3K12
#
_cell.length_a   78.725
_cell.length_b   86.545
_cell.length_c   104.897
_cell.angle_alpha   90.000
_cell.angle_beta   90.000
_cell.angle_gamma   90.000
#
_symmetry.space_group_name_H-M   'P 21 21 2'
#
loop_
_entity.id
_entity.type
_entity.pdbx_description
1 polymer 'uncharacterized protein A6V7T0'
2 non-polymer GLYCEROL
3 water water
#
_entity_poly.entity_id   1
_entity_poly.type   'polypeptide(L)'
_entity_poly.pdbx_seq_one_letter_code
;HIERFEVVKRRAE(MSE)ALHGNTVYIGGQVADDPSGDIQDQTRQILENIDRLLQSVGSDRGQVLSVRILLAHREDYAGL
NQVWDQWFPEGRAPTRACSLAELIDPRWRVE(MSE)IVVAAREGHHHHHH
;
_entity_poly.pdbx_strand_id   A,B,C,D,E,F
#
loop_
_chem_comp.id
_chem_comp.type
_chem_comp.name
_chem_comp.formula
GOL non-polymer GLYCEROL 'C3 H8 O3'
#
# COMPACT_ATOMS: atom_id res chain seq x y z
N HIS A 1 -3.08 3.15 29.87
CA HIS A 1 -2.90 2.08 28.85
C HIS A 1 -2.55 2.65 27.47
N ILE A 2 -2.64 1.80 26.45
CA ILE A 2 -2.31 2.15 25.06
C ILE A 2 -3.48 1.75 24.18
N GLU A 3 -3.90 2.67 23.32
CA GLU A 3 -4.91 2.35 22.31
C GLU A 3 -4.23 2.35 20.96
N ARG A 4 -4.47 1.29 20.20
CA ARG A 4 -3.83 1.08 18.91
C ARG A 4 -4.87 1.37 17.84
N PHE A 5 -4.48 2.17 16.87
CA PHE A 5 -5.26 2.38 15.66
C PHE A 5 -4.49 1.87 14.49
N GLU A 6 -5.08 0.91 13.77
CA GLU A 6 -4.42 0.34 12.60
C GLU A 6 -5.32 0.33 11.41
N VAL A 7 -4.71 0.24 10.24
CA VAL A 7 -5.42 -0.14 9.01
C VAL A 7 -5.10 -1.63 8.82
N VAL A 8 -6.12 -2.48 8.90
CA VAL A 8 -5.95 -3.94 8.72
C VAL A 8 -6.68 -4.42 7.47
N LYS A 9 -5.94 -5.08 6.57
CA LYS A 9 -6.52 -5.58 5.32
C LYS A 9 -6.40 -7.10 5.35
N ARG A 10 -7.54 -7.80 5.30
CA ARG A 10 -7.56 -9.26 5.26
C ARG A 10 -7.93 -9.65 3.84
N ARG A 11 -6.95 -10.14 3.09
CA ARG A 11 -7.11 -10.37 1.64
C ARG A 11 -7.34 -11.85 1.38
N ALA A 12 -8.33 -12.15 0.53
CA ALA A 12 -8.51 -13.49 -0.01
C ALA A 12 -7.47 -13.68 -1.10
N GLU A 13 -6.39 -14.34 -0.77
CA GLU A 13 -5.25 -14.43 -1.65
C GLU A 13 -5.43 -15.45 -2.76
N MSE A 14 -5.94 -16.62 -2.39
CA MSE A 14 -6.09 -17.71 -3.33
C MSE A 14 -7.28 -18.54 -2.94
O MSE A 14 -7.54 -18.76 -1.75
CB MSE A 14 -4.88 -18.62 -3.26
CG MSE A 14 -3.71 -18.29 -4.10
SE MSE A 14 -2.67 -19.96 -4.42
CE MSE A 14 -2.09 -20.21 -2.57
N ALA A 15 -7.97 -19.06 -3.94
CA ALA A 15 -9.00 -20.08 -3.75
C ALA A 15 -8.72 -21.21 -4.69
N LEU A 16 -8.71 -22.44 -4.17
CA LEU A 16 -8.51 -23.63 -4.99
C LEU A 16 -9.82 -24.35 -5.13
N HIS A 17 -10.16 -24.71 -6.35
CA HIS A 17 -11.35 -25.49 -6.63
C HIS A 17 -10.91 -26.67 -7.48
N GLY A 18 -10.78 -27.81 -6.79
CA GLY A 18 -10.17 -29.02 -7.36
C GLY A 18 -8.79 -28.63 -7.88
N ASN A 19 -8.62 -28.76 -9.18
CA ASN A 19 -7.31 -28.53 -9.79
C ASN A 19 -7.16 -27.18 -10.51
N THR A 20 -8.04 -26.24 -10.18
CA THR A 20 -7.90 -24.88 -10.70
C THR A 20 -7.62 -23.93 -9.54
N VAL A 21 -6.71 -22.99 -9.76
CA VAL A 21 -6.25 -22.03 -8.75
C VAL A 21 -6.70 -20.64 -9.17
N TYR A 22 -7.42 -19.90 -8.30
CA TYR A 22 -7.78 -18.52 -8.57
C TYR A 22 -7.01 -17.65 -7.61
N ILE A 23 -6.27 -16.70 -8.16
CA ILE A 23 -5.47 -15.80 -7.31
C ILE A 23 -6.11 -14.41 -7.36
N GLY A 24 -6.27 -13.79 -6.18
CA GLY A 24 -6.74 -12.42 -6.11
C GLY A 24 -5.81 -11.43 -6.79
N GLY A 25 -6.29 -10.22 -7.05
CA GLY A 25 -5.43 -9.22 -7.72
C GLY A 25 -4.13 -9.06 -6.97
N GLN A 26 -3.03 -9.12 -7.72
CA GLN A 26 -1.69 -9.04 -7.14
C GLN A 26 -1.00 -7.78 -7.54
N VAL A 27 -0.40 -7.14 -6.54
CA VAL A 27 0.31 -5.89 -6.73
C VAL A 27 1.66 -6.03 -6.00
N ALA A 28 2.56 -5.11 -6.30
CA ALA A 28 3.87 -5.15 -5.65
C ALA A 28 3.75 -4.82 -4.17
N ASP A 29 4.40 -5.62 -3.33
CA ASP A 29 4.46 -5.41 -1.87
CA ASP A 29 4.31 -5.34 -1.89
C ASP A 29 5.07 -4.05 -1.55
N ASP A 30 6.11 -3.72 -2.31
CA ASP A 30 6.78 -2.42 -2.18
C ASP A 30 6.68 -1.74 -3.53
N PRO A 31 5.65 -0.91 -3.71
CA PRO A 31 5.41 -0.29 -5.01
C PRO A 31 6.17 1.03 -5.27
N SER A 32 7.36 1.16 -4.69
CA SER A 32 8.15 2.39 -4.90
CA SER A 32 8.17 2.38 -4.89
C SER A 32 8.93 2.38 -6.22
N GLY A 33 9.18 1.21 -6.78
CA GLY A 33 10.06 1.12 -7.95
C GLY A 33 9.39 1.23 -9.31
N ASP A 34 10.20 0.98 -10.34
CA ASP A 34 9.77 1.12 -11.69
C ASP A 34 8.96 -0.11 -12.09
N ILE A 35 8.45 -0.07 -13.31
CA ILE A 35 7.59 -1.18 -13.78
C ILE A 35 8.32 -2.51 -13.74
N GLN A 36 9.62 -2.54 -14.10
CA GLN A 36 10.36 -3.80 -14.03
C GLN A 36 10.40 -4.38 -12.62
N ASP A 37 10.65 -3.55 -11.62
CA ASP A 37 10.74 -4.03 -10.27
C ASP A 37 9.37 -4.52 -9.77
N GLN A 38 8.33 -3.74 -10.08
CA GLN A 38 6.99 -4.14 -9.64
C GLN A 38 6.54 -5.44 -10.30
N THR A 39 6.83 -5.57 -11.59
CA THR A 39 6.47 -6.77 -12.35
C THR A 39 7.19 -7.98 -11.76
N ARG A 40 8.49 -7.84 -11.50
CA ARG A 40 9.24 -8.92 -10.87
CA ARG A 40 9.25 -8.92 -10.86
C ARG A 40 8.66 -9.31 -9.51
N GLN A 41 8.33 -8.32 -8.67
CA GLN A 41 7.78 -8.64 -7.37
C GLN A 41 6.51 -9.46 -7.50
N ILE A 42 5.63 -9.05 -8.41
CA ILE A 42 4.36 -9.75 -8.55
C ILE A 42 4.59 -11.16 -9.08
N LEU A 43 5.43 -11.31 -10.10
CA LEU A 43 5.67 -12.66 -10.64
C LEU A 43 6.36 -13.56 -9.63
N GLU A 44 7.25 -13.00 -8.82
CA GLU A 44 7.86 -13.79 -7.76
C GLU A 44 6.83 -14.23 -6.70
N ASN A 45 5.91 -13.34 -6.35
CA ASN A 45 4.87 -13.73 -5.41
C ASN A 45 3.97 -14.81 -5.97
N ILE A 46 3.69 -14.70 -7.27
CA ILE A 46 2.92 -15.75 -7.94
C ILE A 46 3.67 -17.11 -7.87
N ASP A 47 5.00 -17.10 -8.08
CA ASP A 47 5.80 -18.32 -7.92
C ASP A 47 5.56 -18.93 -6.55
N ARG A 48 5.66 -18.12 -5.50
CA ARG A 48 5.50 -18.60 -4.13
CA ARG A 48 5.51 -18.60 -4.13
C ARG A 48 4.11 -19.14 -3.88
N LEU A 49 3.09 -18.39 -4.33
CA LEU A 49 1.72 -18.86 -4.15
C LEU A 49 1.47 -20.17 -4.86
N LEU A 50 1.92 -20.29 -6.12
CA LEU A 50 1.69 -21.53 -6.87
C LEU A 50 2.44 -22.70 -6.22
N GLN A 51 3.69 -22.46 -5.80
CA GLN A 51 4.52 -23.50 -5.14
CA GLN A 51 4.45 -23.56 -5.26
C GLN A 51 3.77 -24.08 -3.98
N SER A 52 3.14 -23.18 -3.21
CA SER A 52 2.49 -23.55 -1.94
C SER A 52 1.31 -24.50 -2.10
N VAL A 53 0.76 -24.57 -3.32
CA VAL A 53 -0.36 -25.47 -3.59
C VAL A 53 -0.02 -26.57 -4.60
N GLY A 54 1.26 -26.73 -4.89
CA GLY A 54 1.69 -27.80 -5.82
C GLY A 54 1.49 -27.47 -7.29
N SER A 55 1.57 -26.18 -7.60
CA SER A 55 1.55 -25.69 -8.97
C SER A 55 2.91 -25.04 -9.23
N ASP A 56 3.08 -24.46 -10.39
CA ASP A 56 4.31 -23.75 -10.71
C ASP A 56 4.09 -22.82 -11.88
N ARG A 57 5.12 -22.07 -12.20
CA ARG A 57 5.15 -21.04 -13.24
C ARG A 57 4.76 -21.53 -14.65
N GLY A 58 4.91 -22.83 -14.85
CA GLY A 58 4.57 -23.45 -16.14
C GLY A 58 3.12 -23.90 -16.25
N GLN A 59 2.34 -23.68 -15.18
CA GLN A 59 0.96 -24.16 -15.14
CA GLN A 59 0.96 -24.15 -15.10
C GLN A 59 -0.08 -23.02 -15.09
N VAL A 60 0.31 -21.85 -15.57
CA VAL A 60 -0.59 -20.71 -15.54
C VAL A 60 -1.48 -20.76 -16.78
N LEU A 61 -2.77 -20.48 -16.57
CA LEU A 61 -3.78 -20.55 -17.65
C LEU A 61 -4.10 -19.19 -18.24
N SER A 62 -4.39 -18.21 -17.37
CA SER A 62 -4.74 -16.87 -17.84
C SER A 62 -4.17 -15.85 -16.89
N VAL A 63 -3.71 -14.73 -17.45
CA VAL A 63 -3.29 -13.57 -16.66
C VAL A 63 -3.91 -12.35 -17.27
N ARG A 64 -4.70 -11.62 -16.48
CA ARG A 64 -5.19 -10.31 -16.83
C ARG A 64 -4.22 -9.29 -16.25
N ILE A 65 -3.66 -8.44 -17.11
CA ILE A 65 -2.67 -7.45 -16.68
C ILE A 65 -3.26 -6.06 -16.81
N LEU A 66 -3.32 -5.35 -15.68
CA LEU A 66 -3.88 -3.99 -15.67
C LEU A 66 -2.67 -3.09 -15.45
N LEU A 67 -2.35 -2.29 -16.47
CA LEU A 67 -1.16 -1.45 -16.49
C LEU A 67 -1.59 -0.01 -16.22
N ALA A 68 -0.93 0.65 -15.28
CA ALA A 68 -1.32 2.02 -14.89
C ALA A 68 -0.92 3.10 -15.91
N HIS A 69 0.24 2.94 -16.55
CA HIS A 69 0.80 4.00 -17.41
C HIS A 69 1.32 3.41 -18.70
N ARG A 70 0.92 4.01 -19.82
CA ARG A 70 1.34 3.56 -21.13
C ARG A 70 2.84 3.47 -21.29
N GLU A 71 3.54 4.45 -20.71
CA GLU A 71 4.99 4.53 -20.85
C GLU A 71 5.68 3.31 -20.20
N ASP A 72 4.96 2.58 -19.33
CA ASP A 72 5.53 1.40 -18.66
C ASP A 72 5.39 0.08 -19.42
N TYR A 73 4.74 0.12 -20.58
CA TYR A 73 4.45 -1.11 -21.32
C TYR A 73 5.72 -1.89 -21.72
N ALA A 74 6.69 -1.19 -22.29
CA ALA A 74 7.90 -1.88 -22.69
C ALA A 74 8.60 -2.56 -21.49
N GLY A 75 8.63 -1.87 -20.35
CA GLY A 75 9.28 -2.36 -19.15
C GLY A 75 8.56 -3.57 -18.58
N LEU A 76 7.23 -3.54 -18.60
CA LEU A 76 6.42 -4.71 -18.24
C LEU A 76 6.87 -5.90 -19.06
N ASN A 77 6.91 -5.72 -20.37
CA ASN A 77 7.21 -6.83 -21.28
C ASN A 77 8.66 -7.28 -21.21
N GLN A 78 9.55 -6.34 -20.90
CA GLN A 78 10.97 -6.68 -20.73
C GLN A 78 11.12 -7.83 -19.74
N VAL A 79 10.44 -7.73 -18.59
CA VAL A 79 10.49 -8.78 -17.59
C VAL A 79 9.63 -10.00 -17.97
N TRP A 80 8.36 -9.72 -18.32
CA TRP A 80 7.41 -10.77 -18.64
C TRP A 80 7.90 -11.70 -19.76
N ASP A 81 8.45 -11.11 -20.81
CA ASP A 81 8.84 -11.92 -21.99
C ASP A 81 10.01 -12.86 -21.72
N GLN A 82 10.70 -12.70 -20.60
CA GLN A 82 11.80 -13.58 -20.25
CA GLN A 82 11.77 -13.63 -20.31
C GLN A 82 11.47 -14.51 -19.11
N TRP A 83 10.21 -14.50 -18.67
CA TRP A 83 9.84 -15.20 -17.45
C TRP A 83 9.45 -16.66 -17.59
N PHE A 84 8.70 -16.97 -18.63
CA PHE A 84 8.05 -18.28 -18.68
C PHE A 84 8.91 -19.35 -19.38
N PRO A 85 8.80 -20.62 -18.92
CA PRO A 85 9.47 -21.70 -19.65
C PRO A 85 9.00 -21.80 -21.09
N GLU A 86 9.86 -22.26 -22.00
CA GLU A 86 9.55 -22.42 -23.41
C GLU A 86 8.28 -23.23 -23.58
N GLY A 87 7.38 -22.64 -24.36
CA GLY A 87 6.13 -23.27 -24.74
C GLY A 87 5.07 -23.20 -23.66
N ARG A 88 5.35 -22.50 -22.56
CA ARG A 88 4.44 -22.58 -21.39
C ARG A 88 3.90 -21.23 -20.95
N ALA A 89 4.01 -20.18 -21.76
CA ALA A 89 3.38 -18.91 -21.39
C ALA A 89 1.85 -19.09 -21.27
N PRO A 90 1.26 -18.36 -20.33
CA PRO A 90 -0.20 -18.44 -20.20
C PRO A 90 -0.88 -17.61 -21.28
N THR A 91 -2.20 -17.72 -21.37
CA THR A 91 -2.96 -16.70 -22.11
C THR A 91 -2.88 -15.36 -21.34
N ARG A 92 -2.99 -14.24 -22.06
CA ARG A 92 -2.73 -12.93 -21.51
C ARG A 92 -3.66 -11.90 -22.12
N ALA A 93 -4.12 -10.94 -21.32
CA ALA A 93 -4.83 -9.77 -21.81
C ALA A 93 -4.38 -8.57 -21.01
N CYS A 94 -3.73 -7.61 -21.67
CA CYS A 94 -3.23 -6.42 -21.03
C CYS A 94 -3.93 -5.17 -21.54
N SER A 95 -4.38 -4.31 -20.63
CA SER A 95 -4.92 -3.01 -21.00
C SER A 95 -4.53 -1.98 -19.95
N LEU A 96 -4.78 -0.71 -20.25
CA LEU A 96 -4.49 0.35 -19.29
C LEU A 96 -5.67 0.50 -18.35
N ALA A 97 -5.38 0.77 -17.08
CA ALA A 97 -6.44 0.90 -16.08
C ALA A 97 -5.98 1.84 -15.00
N GLU A 98 -6.92 2.53 -14.38
CA GLU A 98 -6.66 3.29 -13.17
C GLU A 98 -6.78 2.35 -11.97
N LEU A 99 -5.71 2.22 -11.21
CA LEU A 99 -5.67 1.28 -10.08
C LEU A 99 -5.97 1.99 -8.78
N ILE A 100 -6.31 1.23 -7.75
CA ILE A 100 -6.75 1.83 -6.48
C ILE A 100 -5.65 2.68 -5.84
N ASP A 101 -4.46 2.13 -5.74
CA ASP A 101 -3.32 2.90 -5.18
C ASP A 101 -2.51 3.51 -6.32
N PRO A 102 -2.42 4.86 -6.38
CA PRO A 102 -1.63 5.56 -7.40
C PRO A 102 -0.18 5.10 -7.51
N ARG A 103 0.37 4.48 -6.47
CA ARG A 103 1.76 3.98 -6.51
C ARG A 103 1.96 2.75 -7.36
N TRP A 104 0.90 1.97 -7.52
CA TRP A 104 0.97 0.71 -8.26
C TRP A 104 1.14 0.96 -9.74
N ARG A 105 2.10 0.29 -10.34
CA ARG A 105 2.31 0.42 -11.78
C ARG A 105 1.59 -0.66 -12.58
N VAL A 106 1.21 -1.74 -11.89
CA VAL A 106 0.61 -2.90 -12.55
C VAL A 106 -0.09 -3.76 -11.51
N GLU A 107 -1.15 -4.44 -11.95
CA GLU A 107 -1.82 -5.44 -11.14
C GLU A 107 -2.11 -6.64 -12.04
N MSE A 108 -1.99 -7.85 -11.49
CA MSE A 108 -2.23 -9.08 -12.28
C MSE A 108 -3.27 -9.96 -11.63
O MSE A 108 -3.30 -10.09 -10.41
CB MSE A 108 -0.94 -9.88 -12.43
CG MSE A 108 0.10 -9.12 -13.22
SE MSE A 108 1.58 -10.30 -13.66
CE MSE A 108 2.91 -8.95 -14.19
N ILE A 109 -4.14 -10.53 -12.46
CA ILE A 109 -5.17 -11.44 -11.95
C ILE A 109 -4.95 -12.79 -12.65
N VAL A 110 -4.75 -13.85 -11.88
CA VAL A 110 -4.24 -15.14 -12.36
C VAL A 110 -5.24 -16.25 -12.14
N VAL A 111 -5.40 -17.10 -13.15
CA VAL A 111 -6.01 -18.42 -13.04
C VAL A 111 -4.94 -19.44 -13.46
N ALA A 112 -4.77 -20.48 -12.66
CA ALA A 112 -3.74 -21.49 -12.95
C ALA A 112 -4.24 -22.88 -12.68
N ALA A 113 -3.48 -23.90 -13.09
CA ALA A 113 -3.84 -25.28 -12.84
C ALA A 113 -2.92 -25.84 -11.78
N ARG A 114 -3.34 -26.91 -11.13
CA ARG A 114 -2.48 -27.66 -10.23
C ARG A 114 -2.71 -29.12 -10.57
N GLU A 115 -1.73 -29.76 -11.21
CA GLU A 115 -1.96 -31.11 -11.72
C GLU A 115 -1.13 -32.16 -11.00
N HIS B 1 -13.22 -29.93 -3.41
CA HIS B 1 -13.82 -28.94 -2.46
C HIS B 1 -13.14 -27.59 -2.70
N ILE B 2 -13.30 -26.65 -1.77
CA ILE B 2 -12.70 -25.32 -1.89
C ILE B 2 -11.72 -25.09 -0.75
N GLU B 3 -10.48 -24.75 -1.11
CA GLU B 3 -9.48 -24.41 -0.12
C GLU B 3 -9.19 -22.92 -0.26
N ARG B 4 -9.10 -22.21 0.86
CA ARG B 4 -8.91 -20.77 0.85
C ARG B 4 -7.66 -20.34 1.59
N PHE B 5 -6.97 -19.37 1.01
CA PHE B 5 -5.72 -18.86 1.57
C PHE B 5 -5.87 -17.38 1.77
N GLU B 6 -5.60 -16.93 2.97
CA GLU B 6 -5.72 -15.50 3.30
C GLU B 6 -4.40 -14.88 3.69
N VAL B 7 -4.30 -13.57 3.47
CA VAL B 7 -3.14 -12.77 3.90
C VAL B 7 -3.67 -11.57 4.69
N VAL B 8 -3.07 -11.33 5.84
CA VAL B 8 -3.39 -10.13 6.61
C VAL B 8 -2.22 -9.16 6.57
N LYS B 9 -2.47 -7.93 6.13
CA LYS B 9 -1.47 -6.87 6.21
C LYS B 9 -1.97 -5.83 7.19
N ARG B 10 -1.08 -5.36 8.07
CA ARG B 10 -1.46 -4.36 9.09
C ARG B 10 -0.52 -3.18 8.96
N ARG B 11 -1.03 -1.98 9.25
CA ARG B 11 -0.21 -0.79 9.34
C ARG B 11 -0.62 -0.07 10.60
N ALA B 12 0.35 0.34 11.42
CA ALA B 12 0.06 1.09 12.62
C ALA B 12 -0.12 2.58 12.28
N GLU B 13 -1.33 3.09 12.42
CA GLU B 13 -1.57 4.50 12.10
C GLU B 13 -1.27 5.40 13.29
N MSE B 14 -1.81 5.02 14.43
CA MSE B 14 -1.70 5.86 15.64
C MSE B 14 -1.61 5.00 16.86
O MSE B 14 -2.23 3.97 16.92
CB MSE B 14 -2.95 6.73 15.85
CG MSE B 14 -3.12 7.81 14.87
SE MSE B 14 -4.57 9.01 15.51
CE MSE B 14 -6.06 7.80 15.07
N ALA B 15 -0.86 5.48 17.85
CA ALA B 15 -0.84 4.90 19.18
C ALA B 15 -1.16 6.01 20.15
N LEU B 16 -2.15 5.78 21.00
CA LEU B 16 -2.55 6.75 22.02
C LEU B 16 -2.04 6.27 23.37
N HIS B 17 -1.35 7.14 24.11
CA HIS B 17 -0.86 6.80 25.42
C HIS B 17 -1.37 7.87 26.35
N GLY B 18 -2.43 7.53 27.08
CA GLY B 18 -3.24 8.51 27.81
C GLY B 18 -3.69 9.61 26.86
N ASN B 19 -3.20 10.83 27.11
CA ASN B 19 -3.58 11.99 26.29
C ASN B 19 -2.56 12.44 25.28
N THR B 20 -1.60 11.57 24.95
CA THR B 20 -0.66 11.88 23.90
C THR B 20 -0.88 10.94 22.71
N VAL B 21 -0.87 11.51 21.50
CA VAL B 21 -1.14 10.81 20.26
C VAL B 21 0.13 10.73 19.46
N TYR B 22 0.57 9.51 19.11
CA TYR B 22 1.72 9.32 18.24
C TYR B 22 1.21 8.83 16.89
N ILE B 23 1.54 9.54 15.81
CA ILE B 23 1.11 9.14 14.48
C ILE B 23 2.29 8.59 13.68
N GLY B 24 2.06 7.52 12.93
CA GLY B 24 3.11 7.00 12.02
C GLY B 24 3.42 7.97 10.89
N GLY B 25 4.51 7.73 10.19
CA GLY B 25 4.90 8.59 9.06
C GLY B 25 3.74 8.77 8.10
N GLN B 26 3.48 10.02 7.73
CA GLN B 26 2.36 10.33 6.81
C GLN B 26 2.88 10.90 5.50
N VAL B 27 2.38 10.32 4.40
CA VAL B 27 2.71 10.73 3.03
C VAL B 27 1.42 10.94 2.25
N ALA B 28 1.54 11.57 1.08
CA ALA B 28 0.37 11.86 0.25
C ALA B 28 -0.21 10.56 -0.31
N ASP B 29 -1.53 10.44 -0.31
CA ASP B 29 -2.20 9.28 -0.93
C ASP B 29 -1.99 9.26 -2.45
N ASP B 30 -1.93 10.43 -3.06
CA ASP B 30 -1.64 10.53 -4.48
C ASP B 30 -0.40 11.39 -4.70
N PRO B 31 0.74 10.75 -4.97
CA PRO B 31 2.02 11.45 -5.06
C PRO B 31 2.29 12.09 -6.42
N SER B 32 1.29 12.12 -7.29
CA SER B 32 1.46 12.82 -8.57
C SER B 32 1.40 14.35 -8.38
N GLY B 33 0.83 14.80 -7.27
CA GLY B 33 0.71 16.22 -6.96
C GLY B 33 2.05 16.90 -6.72
N ASP B 34 2.09 18.24 -6.87
CA ASP B 34 3.24 19.05 -6.47
C ASP B 34 3.36 19.13 -4.95
N ILE B 35 4.38 19.83 -4.46
CA ILE B 35 4.55 19.94 -2.99
C ILE B 35 3.33 20.50 -2.28
N GLN B 36 2.71 21.53 -2.84
CA GLN B 36 1.56 22.11 -2.21
C GLN B 36 0.42 21.09 -2.06
N ASP B 37 0.18 20.33 -3.13
CA ASP B 37 -0.89 19.37 -3.13
C ASP B 37 -0.62 18.24 -2.12
N GLN B 38 0.61 17.76 -2.13
CA GLN B 38 1.02 16.66 -1.23
C GLN B 38 0.97 17.12 0.22
N THR B 39 1.42 18.35 0.48
CA THR B 39 1.34 18.92 1.83
C THR B 39 -0.11 19.01 2.31
N ARG B 40 -1.00 19.50 1.46
CA ARG B 40 -2.42 19.55 1.82
C ARG B 40 -3.00 18.19 2.12
N GLN B 41 -2.67 17.22 1.26
CA GLN B 41 -3.21 15.86 1.44
C GLN B 41 -2.81 15.32 2.80
N ILE B 42 -1.52 15.46 3.14
CA ILE B 42 -1.04 14.99 4.44
C ILE B 42 -1.70 15.69 5.61
N LEU B 43 -1.76 17.02 5.55
CA LEU B 43 -2.41 17.76 6.61
C LEU B 43 -3.90 17.44 6.77
N GLU B 44 -4.56 17.18 5.64
CA GLU B 44 -5.97 16.76 5.68
C GLU B 44 -6.10 15.40 6.33
N ASN B 45 -5.19 14.48 5.99
CA ASN B 45 -5.20 13.16 6.62
C ASN B 45 -4.95 13.25 8.12
N ILE B 46 -4.03 14.14 8.53
CA ILE B 46 -3.85 14.42 9.94
C ILE B 46 -5.10 14.95 10.64
N ASP B 47 -5.82 15.89 10.00
CA ASP B 47 -7.11 16.35 10.53
C ASP B 47 -8.02 15.17 10.82
N ARG B 48 -8.15 14.26 9.84
CA ARG B 48 -9.04 13.12 9.98
C ARG B 48 -8.60 12.21 11.12
N LEU B 49 -7.31 11.90 11.16
CA LEU B 49 -6.80 11.03 12.22
C LEU B 49 -7.01 11.65 13.60
N LEU B 50 -6.67 12.93 13.74
CA LEU B 50 -6.85 13.59 15.03
C LEU B 50 -8.32 13.64 15.42
N GLN B 51 -9.19 14.01 14.49
CA GLN B 51 -10.59 14.08 14.87
CA GLN B 51 -10.64 14.05 14.76
C GLN B 51 -11.16 12.72 15.30
N SER B 52 -10.64 11.64 14.75
CA SER B 52 -11.15 10.30 15.10
C SER B 52 -10.87 9.94 16.55
N VAL B 53 -9.91 10.61 17.17
CA VAL B 53 -9.60 10.35 18.58
C VAL B 53 -9.94 11.51 19.54
N GLY B 54 -10.69 12.50 19.06
CA GLY B 54 -11.09 13.61 19.93
C GLY B 54 -10.05 14.71 20.05
N SER B 55 -9.15 14.76 19.07
CA SER B 55 -8.14 15.81 18.96
C SER B 55 -8.47 16.69 17.75
N ASP B 56 -7.63 17.68 17.48
CA ASP B 56 -7.83 18.52 16.33
C ASP B 56 -6.54 19.23 15.96
N ARG B 57 -6.61 19.95 14.84
CA ARG B 57 -5.57 20.77 14.28
C ARG B 57 -4.81 21.69 15.24
N GLY B 58 -5.50 22.14 16.28
CA GLY B 58 -4.90 23.06 17.24
C GLY B 58 -4.25 22.38 18.43
N GLN B 59 -4.17 21.05 18.38
CA GLN B 59 -3.65 20.28 19.51
C GLN B 59 -2.37 19.55 19.15
N VAL B 60 -1.68 19.98 18.11
CA VAL B 60 -0.47 19.29 17.66
C VAL B 60 0.72 19.81 18.46
N LEU B 61 1.60 18.91 18.89
CA LEU B 61 2.74 19.27 19.75
C LEU B 61 4.04 19.37 18.98
N SER B 62 4.33 18.37 18.15
CA SER B 62 5.50 18.39 17.34
C SER B 62 5.24 17.79 15.96
N VAL B 63 5.88 18.34 14.95
CA VAL B 63 5.89 17.76 13.60
C VAL B 63 7.29 17.74 13.06
N ARG B 64 7.77 16.55 12.70
CA ARG B 64 9.00 16.41 11.96
C ARG B 64 8.67 16.34 10.47
N ILE B 65 9.24 17.26 9.70
CA ILE B 65 8.94 17.33 8.29
C ILE B 65 10.16 16.92 7.50
N LEU B 66 10.01 15.87 6.72
CA LEU B 66 11.08 15.36 5.88
C LEU B 66 10.76 15.80 4.45
N LEU B 67 11.59 16.66 3.87
CA LEU B 67 11.31 17.25 2.57
C LEU B 67 12.24 16.64 1.55
N ALA B 68 11.72 16.14 0.41
CA ALA B 68 12.58 15.49 -0.59
C ALA B 68 13.49 16.42 -1.42
N HIS B 69 13.01 17.63 -1.70
CA HIS B 69 13.67 18.52 -2.67
C HIS B 69 13.69 19.93 -2.15
N ARG B 70 14.88 20.50 -2.09
CA ARG B 70 15.10 21.90 -1.63
C ARG B 70 14.19 22.90 -2.33
N GLU B 71 13.99 22.71 -3.63
CA GLU B 71 13.18 23.60 -4.46
C GLU B 71 11.72 23.63 -4.03
N ASP B 72 11.30 22.60 -3.29
CA ASP B 72 9.93 22.49 -2.81
C ASP B 72 9.67 23.18 -1.45
N TYR B 73 10.71 23.73 -0.83
CA TYR B 73 10.55 24.34 0.49
C TYR B 73 9.53 25.50 0.48
N ALA B 74 9.63 26.36 -0.53
CA ALA B 74 8.70 27.49 -0.60
C ALA B 74 7.22 27.04 -0.66
N GLY B 75 6.93 26.04 -1.49
CA GLY B 75 5.60 25.51 -1.61
C GLY B 75 5.08 24.80 -0.36
N LEU B 76 5.98 24.07 0.32
CA LEU B 76 5.63 23.47 1.59
C LEU B 76 5.13 24.52 2.55
N ASN B 77 5.91 25.58 2.69
CA ASN B 77 5.56 26.62 3.63
C ASN B 77 4.34 27.42 3.19
N GLN B 78 4.12 27.53 1.89
CA GLN B 78 2.94 28.22 1.35
C GLN B 78 1.67 27.67 1.97
N VAL B 79 1.56 26.34 2.02
CA VAL B 79 0.40 25.71 2.60
C VAL B 79 0.50 25.68 4.12
N TRP B 80 1.65 25.23 4.61
CA TRP B 80 1.88 25.11 6.05
C TRP B 80 1.58 26.39 6.84
N ASP B 81 2.07 27.52 6.34
CA ASP B 81 1.99 28.80 7.06
C ASP B 81 0.57 29.35 7.15
N GLN B 82 -0.33 28.81 6.33
CA GLN B 82 -1.74 29.20 6.32
C GLN B 82 -2.64 28.22 7.06
N TRP B 83 -2.06 27.17 7.65
CA TRP B 83 -2.87 26.04 8.09
C TRP B 83 -3.41 26.11 9.53
N PHE B 84 -2.56 26.58 10.46
CA PHE B 84 -2.87 26.38 11.86
C PHE B 84 -3.63 27.57 12.44
N PRO B 85 -4.51 27.32 13.42
CA PRO B 85 -5.21 28.38 14.14
C PRO B 85 -4.25 29.37 14.79
N GLU B 86 -4.65 30.62 14.96
CA GLU B 86 -3.78 31.63 15.58
C GLU B 86 -3.32 31.15 16.94
N GLY B 87 -2.00 31.25 17.12
CA GLY B 87 -1.37 30.91 18.38
C GLY B 87 -1.21 29.42 18.62
N ARG B 88 -1.54 28.59 17.63
CA ARG B 88 -1.61 27.14 17.90
C ARG B 88 -0.77 26.28 16.98
N ALA B 89 0.17 26.87 16.25
CA ALA B 89 1.12 26.09 15.45
C ALA B 89 1.93 25.17 16.37
N PRO B 90 2.28 23.98 15.87
CA PRO B 90 3.05 23.05 16.69
C PRO B 90 4.53 23.42 16.66
N THR B 91 5.36 22.78 17.49
CA THR B 91 6.79 22.85 17.22
C THR B 91 7.07 22.10 15.91
N ARG B 92 8.15 22.46 15.24
CA ARG B 92 8.44 21.97 13.88
C ARG B 92 9.92 21.82 13.69
N ALA B 93 10.32 20.77 12.96
CA ALA B 93 11.68 20.63 12.50
C ALA B 93 11.66 20.04 11.10
N CYS B 94 12.16 20.80 10.13
CA CYS B 94 12.16 20.38 8.74
C CYS B 94 13.59 20.28 8.23
N SER B 95 13.92 19.18 7.58
CA SER B 95 15.19 19.03 6.89
C SER B 95 14.99 18.22 5.60
N LEU B 96 16.05 18.10 4.81
CA LEU B 96 15.97 17.36 3.56
C LEU B 96 16.27 15.89 3.79
N ALA B 97 15.50 15.02 3.14
CA ALA B 97 15.76 13.61 3.30
C ALA B 97 15.34 12.87 2.06
N GLU B 98 16.02 11.76 1.78
CA GLU B 98 15.56 10.86 0.74
C GLU B 98 14.49 9.94 1.34
N LEU B 99 13.32 9.92 0.70
CA LEU B 99 12.19 9.14 1.17
C LEU B 99 12.11 7.80 0.43
N ILE B 100 11.33 6.86 0.98
CA ILE B 100 11.30 5.51 0.43
C ILE B 100 10.78 5.46 -1.02
N ASP B 101 9.72 6.22 -1.30
CA ASP B 101 9.18 6.32 -2.67
C ASP B 101 9.68 7.62 -3.29
N PRO B 102 10.34 7.54 -4.46
CA PRO B 102 10.84 8.77 -5.08
C PRO B 102 9.74 9.75 -5.49
N ARG B 103 8.47 9.33 -5.53
CA ARG B 103 7.37 10.24 -5.91
C ARG B 103 6.85 11.08 -4.74
N TRP B 104 7.21 10.71 -3.51
CA TRP B 104 6.82 11.47 -2.35
C TRP B 104 7.67 12.73 -2.22
N ARG B 105 7.02 13.86 -2.05
CA ARG B 105 7.77 15.12 -1.90
C ARG B 105 7.99 15.51 -0.45
N VAL B 106 7.26 14.87 0.46
CA VAL B 106 7.29 15.24 1.86
C VAL B 106 6.70 14.11 2.70
N GLU B 107 7.21 13.99 3.92
CA GLU B 107 6.64 13.10 4.91
C GLU B 107 6.61 13.81 6.26
N MSE B 108 5.57 13.57 7.04
CA MSE B 108 5.41 14.19 8.35
C MSE B 108 5.22 13.18 9.45
O MSE B 108 4.48 12.19 9.29
CB MSE B 108 4.21 15.12 8.38
CG MSE B 108 4.36 16.26 7.40
SE MSE B 108 3.02 17.63 7.64
CE MSE B 108 3.33 18.58 5.95
N ILE B 109 5.90 13.42 10.56
CA ILE B 109 5.77 12.56 11.74
C ILE B 109 5.25 13.42 12.89
N VAL B 110 4.08 13.06 13.41
CA VAL B 110 3.34 13.93 14.30
C VAL B 110 3.21 13.35 15.71
N VAL B 111 3.36 14.22 16.70
CA VAL B 111 2.94 13.95 18.07
C VAL B 111 1.91 15.02 18.42
N ALA B 112 0.77 14.61 18.97
CA ALA B 112 -0.30 15.55 19.34
C ALA B 112 -0.88 15.23 20.71
N ALA B 113 -1.76 16.11 21.19
CA ALA B 113 -2.44 15.91 22.46
C ALA B 113 -3.92 15.62 22.21
N ARG B 114 -4.55 14.98 23.18
CA ARG B 114 -6.00 14.84 23.18
C ARG B 114 -6.59 15.47 24.44
N HIS C 1 -0.82 -31.51 -17.85
CA HIS C 1 -1.31 -31.82 -19.21
C HIS C 1 -2.21 -30.69 -19.74
N ILE C 2 -1.81 -29.46 -19.44
CA ILE C 2 -2.30 -28.28 -20.14
C ILE C 2 -1.82 -28.32 -21.58
N GLU C 3 -2.73 -28.16 -22.53
CA GLU C 3 -2.35 -28.03 -23.94
C GLU C 3 -2.39 -26.57 -24.31
N ARG C 4 -1.36 -26.07 -24.98
CA ARG C 4 -1.35 -24.70 -25.41
C ARG C 4 -1.26 -24.57 -26.91
N PHE C 5 -1.77 -23.46 -27.43
CA PHE C 5 -1.85 -23.22 -28.88
C PHE C 5 -1.39 -21.83 -29.25
N GLU C 6 -0.69 -21.75 -30.39
CA GLU C 6 -0.14 -20.51 -30.94
C GLU C 6 0.64 -19.78 -29.86
N VAL C 7 1.76 -20.39 -29.47
CA VAL C 7 2.55 -19.96 -28.32
C VAL C 7 3.82 -19.22 -28.75
N VAL C 8 4.05 -18.11 -28.08
CA VAL C 8 5.27 -17.31 -28.22
C VAL C 8 5.76 -17.02 -26.77
N LYS C 9 6.91 -16.37 -26.62
CA LYS C 9 7.40 -16.04 -25.30
C LYS C 9 6.38 -15.23 -24.49
N ARG C 10 5.67 -14.34 -25.17
CA ARG C 10 4.76 -13.42 -24.47
C ARG C 10 3.46 -14.10 -24.01
N ARG C 11 2.98 -15.07 -24.79
CA ARG C 11 1.63 -15.60 -24.50
C ARG C 11 1.34 -16.85 -25.30
N ALA C 12 0.40 -17.65 -24.82
CA ALA C 12 -0.32 -18.64 -25.64
C ALA C 12 -1.60 -17.96 -26.07
N GLU C 13 -2.03 -18.16 -27.30
CA GLU C 13 -3.34 -17.64 -27.70
C GLU C 13 -4.43 -18.38 -26.95
N MSE C 14 -4.20 -19.66 -26.72
CA MSE C 14 -5.20 -20.53 -26.13
C MSE C 14 -4.57 -21.59 -25.25
O MSE C 14 -3.52 -22.13 -25.58
CB MSE C 14 -6.09 -21.11 -27.24
CG MSE C 14 -7.10 -22.15 -26.72
SE MSE C 14 -8.40 -22.63 -28.11
CE MSE C 14 -7.17 -23.46 -29.36
N ALA C 15 -5.21 -21.89 -24.12
CA ALA C 15 -4.80 -22.96 -23.25
C ALA C 15 -5.99 -23.80 -22.89
N LEU C 16 -5.82 -25.12 -22.97
CA LEU C 16 -6.87 -26.07 -22.61
C LEU C 16 -6.46 -26.77 -21.32
N HIS C 17 -7.37 -26.76 -20.34
CA HIS C 17 -7.19 -27.42 -19.07
C HIS C 17 -8.34 -28.37 -18.84
N GLY C 18 -8.10 -29.65 -19.04
CA GLY C 18 -9.20 -30.62 -18.99
C GLY C 18 -10.22 -30.30 -20.07
N ASN C 19 -11.43 -29.93 -19.65
CA ASN C 19 -12.50 -29.59 -20.58
C ASN C 19 -12.78 -28.11 -20.64
N THR C 20 -11.86 -27.30 -20.09
CA THR C 20 -12.06 -25.85 -20.08
C THR C 20 -11.02 -25.17 -20.96
N VAL C 21 -11.50 -24.23 -21.76
CA VAL C 21 -10.69 -23.54 -22.76
C VAL C 21 -10.52 -22.08 -22.33
N TYR C 22 -9.28 -21.60 -22.31
CA TYR C 22 -8.98 -20.19 -22.04
C TYR C 22 -8.42 -19.58 -23.29
N ILE C 23 -9.03 -18.51 -23.78
CA ILE C 23 -8.52 -17.72 -24.92
C ILE C 23 -8.15 -16.33 -24.45
N GLY C 24 -6.91 -15.93 -24.69
CA GLY C 24 -6.43 -14.64 -24.24
C GLY C 24 -6.96 -13.48 -25.06
N GLY C 25 -6.43 -12.29 -24.80
CA GLY C 25 -6.99 -11.06 -25.41
C GLY C 25 -6.97 -11.15 -26.94
N GLN C 26 -8.15 -10.99 -27.53
CA GLN C 26 -8.36 -11.09 -28.96
C GLN C 26 -8.70 -9.73 -29.54
N VAL C 27 -7.92 -9.34 -30.56
CA VAL C 27 -8.13 -8.06 -31.22
C VAL C 27 -8.18 -8.32 -32.72
N ALA C 28 -8.66 -7.33 -33.46
CA ALA C 28 -8.74 -7.47 -34.94
C ALA C 28 -7.34 -7.49 -35.55
N ASP C 29 -7.10 -8.49 -36.40
CA ASP C 29 -5.84 -8.57 -37.12
CA ASP C 29 -5.86 -8.61 -37.17
C ASP C 29 -5.70 -7.39 -38.09
N ASP C 30 -6.83 -6.88 -38.58
CA ASP C 30 -6.87 -5.64 -39.37
C ASP C 30 -7.71 -4.57 -38.68
N PRO C 31 -7.09 -3.75 -37.82
CA PRO C 31 -7.85 -2.76 -37.04
C PRO C 31 -8.12 -1.45 -37.77
N SER C 32 -8.04 -1.48 -39.09
CA SER C 32 -8.32 -0.29 -39.89
C SER C 32 -9.81 0.01 -40.00
N GLY C 33 -10.65 -1.01 -39.78
CA GLY C 33 -12.10 -0.88 -39.96
C GLY C 33 -12.90 -0.42 -38.74
N ASP C 34 -14.21 -0.37 -38.91
CA ASP C 34 -15.14 0.07 -37.87
C ASP C 34 -15.40 -1.03 -36.84
N ILE C 35 -16.22 -0.70 -35.83
CA ILE C 35 -16.50 -1.65 -34.75
C ILE C 35 -17.12 -2.95 -35.28
N GLN C 36 -18.06 -2.82 -36.23
CA GLN C 36 -18.67 -4.02 -36.77
C GLN C 36 -17.64 -4.94 -37.41
N ASP C 37 -16.74 -4.37 -38.20
CA ASP C 37 -15.72 -5.15 -38.85
C ASP C 37 -14.76 -5.84 -37.85
N GLN C 38 -14.33 -5.07 -36.85
CA GLN C 38 -13.37 -5.59 -35.88
C GLN C 38 -14.03 -6.68 -35.02
N THR C 39 -15.30 -6.47 -34.68
CA THR C 39 -16.05 -7.46 -33.88
C THR C 39 -16.17 -8.77 -34.62
N ARG C 40 -16.54 -8.69 -35.90
CA ARG C 40 -16.65 -9.86 -36.74
C ARG C 40 -15.30 -10.62 -36.86
N GLN C 41 -14.20 -9.87 -37.07
CA GLN C 41 -12.88 -10.51 -37.17
C GLN C 41 -12.54 -11.29 -35.91
N ILE C 42 -12.79 -10.68 -34.77
CA ILE C 42 -12.47 -11.29 -33.49
C ILE C 42 -13.35 -12.54 -33.27
N LEU C 43 -14.65 -12.41 -33.55
CA LEU C 43 -15.54 -13.56 -33.37
C LEU C 43 -15.21 -14.73 -34.30
N GLU C 44 -14.81 -14.40 -35.54
CA GLU C 44 -14.37 -15.41 -36.49
C GLU C 44 -13.07 -16.09 -36.01
N ASN C 45 -12.12 -15.31 -35.48
CA ASN C 45 -10.90 -15.93 -34.95
CA ASN C 45 -10.88 -15.87 -34.92
C ASN C 45 -11.20 -16.81 -33.76
N ILE C 46 -12.11 -16.38 -32.90
CA ILE C 46 -12.57 -17.23 -31.80
C ILE C 46 -13.19 -18.56 -32.31
N ASP C 47 -14.02 -18.49 -33.36
CA ASP C 47 -14.57 -19.68 -34.04
C ASP C 47 -13.44 -20.65 -34.43
N ARG C 48 -12.42 -20.10 -35.07
CA ARG C 48 -11.29 -20.88 -35.58
C ARG C 48 -10.53 -21.56 -34.43
N LEU C 49 -10.25 -20.78 -33.37
CA LEU C 49 -9.54 -21.34 -32.22
C LEU C 49 -10.37 -22.44 -31.56
N LEU C 50 -11.66 -22.19 -31.39
CA LEU C 50 -12.52 -23.19 -30.77
C LEU C 50 -12.60 -24.49 -31.60
N GLN C 51 -12.72 -24.35 -32.90
CA GLN C 51 -12.84 -25.55 -33.74
C GLN C 51 -11.57 -26.38 -33.65
N SER C 52 -10.43 -25.72 -33.53
CA SER C 52 -9.16 -26.44 -33.47
C SER C 52 -8.97 -27.32 -32.23
N VAL C 53 -9.78 -27.11 -31.18
CA VAL C 53 -9.71 -27.96 -30.00
C VAL C 53 -10.96 -28.82 -29.79
N GLY C 54 -11.83 -28.85 -30.79
CA GLY C 54 -13.04 -29.63 -30.69
C GLY C 54 -14.15 -28.94 -29.92
N SER C 55 -14.09 -27.62 -29.83
CA SER C 55 -15.17 -26.87 -29.21
C SER C 55 -15.95 -26.18 -30.34
N ASP C 56 -16.87 -25.30 -29.98
CA ASP C 56 -17.65 -24.56 -30.98
C ASP C 56 -18.30 -23.34 -30.37
N ARG C 57 -18.96 -22.56 -31.22
CA ARG C 57 -19.58 -21.31 -30.90
C ARG C 57 -20.67 -21.41 -29.83
N GLY C 58 -21.24 -22.61 -29.71
CA GLY C 58 -22.28 -22.85 -28.71
C GLY C 58 -21.76 -23.28 -27.36
N GLN C 59 -20.44 -23.32 -27.20
CA GLN C 59 -19.83 -23.82 -25.94
C GLN C 59 -19.08 -22.72 -25.19
N VAL C 60 -19.41 -21.46 -25.44
CA VAL C 60 -18.73 -20.37 -24.75
C VAL C 60 -19.39 -20.10 -23.41
N LEU C 61 -18.54 -19.90 -22.39
CA LEU C 61 -19.00 -19.70 -21.00
C LEU C 61 -18.97 -18.23 -20.61
N SER C 62 -17.88 -17.53 -20.89
CA SER C 62 -17.78 -16.10 -20.53
C SER C 62 -16.99 -15.34 -21.56
N VAL C 63 -17.41 -14.10 -21.82
CA VAL C 63 -16.64 -13.19 -22.65
C VAL C 63 -16.56 -11.86 -21.96
N ARG C 64 -15.34 -11.38 -21.73
CA ARG C 64 -15.06 -10.03 -21.26
C ARG C 64 -14.83 -9.18 -22.49
N ILE C 65 -15.60 -8.11 -22.63
CA ILE C 65 -15.47 -7.23 -23.78
C ILE C 65 -14.99 -5.86 -23.33
N LEU C 66 -13.82 -5.48 -23.83
CA LEU C 66 -13.18 -4.19 -23.54
C LEU C 66 -13.39 -3.29 -24.76
N LEU C 67 -14.19 -2.25 -24.60
CA LEU C 67 -14.62 -1.42 -25.73
C LEU C 67 -13.90 -0.08 -25.64
N ALA C 68 -13.26 0.33 -26.74
CA ALA C 68 -12.48 1.58 -26.74
C ALA C 68 -13.33 2.86 -26.67
N HIS C 69 -14.44 2.88 -27.40
CA HIS C 69 -15.24 4.11 -27.55
C HIS C 69 -16.72 3.85 -27.31
N ARG C 70 -17.33 4.65 -26.46
CA ARG C 70 -18.75 4.49 -26.15
C ARG C 70 -19.66 4.50 -27.39
N GLU C 71 -19.32 5.37 -28.34
CA GLU C 71 -20.07 5.52 -29.60
C GLU C 71 -20.14 4.22 -30.40
N ASP C 72 -19.23 3.28 -30.12
CA ASP C 72 -19.16 2.00 -30.83
C ASP C 72 -20.03 0.88 -30.23
N TYR C 73 -20.68 1.15 -29.11
CA TYR C 73 -21.43 0.12 -28.41
C TYR C 73 -22.56 -0.48 -29.26
N ALA C 74 -23.34 0.36 -29.93
CA ALA C 74 -24.41 -0.19 -30.76
C ALA C 74 -23.90 -1.09 -31.88
N GLY C 75 -22.79 -0.69 -32.53
CA GLY C 75 -22.18 -1.47 -33.60
C GLY C 75 -21.60 -2.79 -33.13
N LEU C 76 -20.97 -2.77 -31.95
CA LEU C 76 -20.57 -4.02 -31.31
C LEU C 76 -21.78 -4.96 -31.19
N ASN C 77 -22.84 -4.46 -30.58
CA ASN C 77 -24.03 -5.29 -30.32
C ASN C 77 -24.74 -5.71 -31.60
N GLN C 78 -24.64 -4.91 -32.65
CA GLN C 78 -25.28 -5.26 -33.93
C GLN C 78 -24.75 -6.61 -34.41
N VAL C 79 -23.43 -6.78 -34.37
CA VAL C 79 -22.81 -8.04 -34.76
C VAL C 79 -23.00 -9.14 -33.70
N TRP C 80 -22.70 -8.80 -32.45
CA TRP C 80 -22.77 -9.78 -31.38
C TRP C 80 -24.15 -10.42 -31.20
N ASP C 81 -25.20 -9.60 -31.26
CA ASP C 81 -26.57 -10.06 -30.95
C ASP C 81 -27.11 -11.07 -32.00
N GLN C 82 -26.45 -11.11 -33.16
CA GLN C 82 -26.83 -12.00 -34.28
C GLN C 82 -25.96 -13.26 -34.34
N TRP C 83 -24.98 -13.39 -33.44
CA TRP C 83 -23.88 -14.33 -33.59
C TRP C 83 -24.07 -15.73 -33.00
N PHE C 84 -24.55 -15.81 -31.77
CA PHE C 84 -24.50 -17.10 -31.08
C PHE C 84 -25.68 -17.98 -31.42
N PRO C 85 -25.47 -19.32 -31.39
CA PRO C 85 -26.62 -20.20 -31.62
C PRO C 85 -27.74 -19.92 -30.63
N GLU C 86 -28.95 -20.17 -31.06
CA GLU C 86 -30.10 -19.89 -30.25
C GLU C 86 -30.06 -20.48 -28.80
N GLY C 87 -30.22 -19.59 -27.82
CA GLY C 87 -30.21 -19.99 -26.40
C GLY C 87 -28.82 -20.38 -25.86
N ARG C 88 -27.78 -20.09 -26.64
CA ARG C 88 -26.43 -20.50 -26.26
C ARG C 88 -25.48 -19.33 -26.11
N ALA C 89 -25.98 -18.10 -25.99
CA ALA C 89 -25.08 -16.98 -25.70
C ALA C 89 -24.28 -17.20 -24.40
N PRO C 90 -23.02 -16.76 -24.39
CA PRO C 90 -22.23 -16.88 -23.14
C PRO C 90 -22.63 -15.79 -22.14
N THR C 91 -22.08 -15.91 -20.93
CA THR C 91 -22.13 -14.77 -20.04
C THR C 91 -21.23 -13.67 -20.59
N ARG C 92 -21.53 -12.43 -20.28
CA ARG C 92 -20.87 -11.31 -20.92
C ARG C 92 -20.67 -10.18 -19.95
N ALA C 93 -19.55 -9.49 -20.07
CA ALA C 93 -19.35 -8.22 -19.35
C ALA C 93 -18.57 -7.24 -20.18
N CYS C 94 -19.22 -6.15 -20.53
CA CYS C 94 -18.63 -5.13 -21.39
C CYS C 94 -18.49 -3.81 -20.63
N SER C 95 -17.30 -3.24 -20.72
CA SER C 95 -17.04 -1.89 -20.19
C SER C 95 -16.10 -1.14 -21.12
N LEU C 96 -15.91 0.16 -20.89
CA LEU C 96 -14.97 0.94 -21.67
C LEU C 96 -13.58 0.72 -21.13
N ALA C 97 -12.58 0.76 -22.01
CA ALA C 97 -11.20 0.54 -21.62
C ALA C 97 -10.28 1.22 -22.60
N GLU C 98 -9.11 1.61 -22.10
CA GLU C 98 -8.04 2.11 -22.92
C GLU C 98 -7.15 0.93 -23.28
N LEU C 99 -7.08 0.62 -24.57
CA LEU C 99 -6.33 -0.52 -25.08
C LEU C 99 -4.93 -0.08 -25.51
N ILE C 100 -4.04 -1.05 -25.65
CA ILE C 100 -2.64 -0.71 -25.94
C ILE C 100 -2.47 -0.05 -27.29
N ASP C 101 -3.09 -0.62 -28.33
CA ASP C 101 -3.04 -0.01 -29.67
C ASP C 101 -4.27 0.90 -29.83
N PRO C 102 -4.06 2.21 -30.12
CA PRO C 102 -5.21 3.11 -30.31
C PRO C 102 -6.11 2.75 -31.50
N ARG C 103 -5.66 1.87 -32.40
CA ARG C 103 -6.49 1.42 -33.52
C ARG C 103 -7.52 0.36 -33.14
N TRP C 104 -7.27 -0.36 -32.04
CA TRP C 104 -8.22 -1.41 -31.61
C TRP C 104 -9.51 -0.80 -31.08
N ARG C 105 -10.65 -1.22 -31.62
CA ARG C 105 -11.91 -0.67 -31.13
C ARG C 105 -12.50 -1.56 -30.06
N VAL C 106 -11.97 -2.78 -29.96
CA VAL C 106 -12.54 -3.80 -29.05
C VAL C 106 -11.53 -4.92 -28.82
N GLU C 107 -11.57 -5.51 -27.63
CA GLU C 107 -10.72 -6.66 -27.30
C GLU C 107 -11.61 -7.59 -26.48
N MSE C 108 -11.50 -8.90 -26.74
CA MSE C 108 -12.31 -9.90 -26.04
C MSE C 108 -11.43 -10.92 -25.36
O MSE C 108 -10.38 -11.30 -25.88
CB MSE C 108 -13.27 -10.60 -27.01
CG MSE C 108 -14.20 -9.63 -27.65
SE MSE C 108 -15.61 -10.59 -28.57
CE MSE C 108 -16.28 -9.13 -29.69
N ILE C 109 -11.89 -11.41 -24.21
CA ILE C 109 -11.18 -12.43 -23.46
C ILE C 109 -12.21 -13.52 -23.18
N VAL C 110 -11.86 -14.79 -23.38
CA VAL C 110 -12.88 -15.86 -23.46
C VAL C 110 -12.57 -17.05 -22.57
N VAL C 111 -13.60 -17.58 -21.92
CA VAL C 111 -13.54 -18.91 -21.32
C VAL C 111 -14.63 -19.73 -21.99
N ALA C 112 -14.29 -20.97 -22.35
CA ALA C 112 -15.25 -21.86 -23.05
C ALA C 112 -15.07 -23.29 -22.56
N ALA C 113 -15.97 -24.15 -23.01
CA ALA C 113 -15.94 -25.58 -22.69
C ALA C 113 -15.60 -26.38 -23.93
N ARG C 114 -15.11 -27.59 -23.70
CA ARG C 114 -14.93 -28.56 -24.77
C ARG C 114 -15.48 -29.88 -24.27
N GLU C 115 -16.57 -30.35 -24.86
CA GLU C 115 -17.08 -31.70 -24.60
C GLU C 115 -16.06 -32.78 -24.98
N HIS D 1 -23.29 -31.39 -20.15
CA HIS D 1 -23.43 -30.22 -21.06
C HIS D 1 -23.54 -28.93 -20.25
N ILE D 2 -23.21 -27.81 -20.88
CA ILE D 2 -23.39 -26.50 -20.29
C ILE D 2 -24.86 -26.24 -20.03
N GLU D 3 -25.18 -25.72 -18.86
CA GLU D 3 -26.54 -25.27 -18.56
C GLU D 3 -26.52 -23.75 -18.44
N ARG D 4 -27.42 -23.07 -19.12
CA ARG D 4 -27.52 -21.63 -19.09
C ARG D 4 -28.82 -21.18 -18.48
N PHE D 5 -28.77 -20.02 -17.84
CA PHE D 5 -29.89 -19.44 -17.08
C PHE D 5 -30.10 -17.99 -17.44
N GLU D 6 -31.36 -17.58 -17.59
CA GLU D 6 -31.74 -16.23 -17.91
C GLU D 6 -31.05 -15.77 -19.20
N VAL D 7 -31.43 -16.44 -20.29
CA VAL D 7 -30.73 -16.33 -21.57
C VAL D 7 -31.55 -15.56 -22.58
N VAL D 8 -30.87 -14.63 -23.24
CA VAL D 8 -31.42 -13.84 -24.33
C VAL D 8 -30.35 -13.85 -25.45
N LYS D 9 -30.65 -13.27 -26.61
CA LYS D 9 -29.65 -13.23 -27.71
C LYS D 9 -28.33 -12.64 -27.26
N ARG D 10 -28.38 -11.63 -26.41
CA ARG D 10 -27.15 -10.94 -26.03
C ARG D 10 -26.29 -11.71 -25.02
N ARG D 11 -26.91 -12.44 -24.11
CA ARG D 11 -26.12 -13.04 -23.02
C ARG D 11 -26.95 -14.02 -22.25
N ALA D 12 -26.28 -14.95 -21.58
CA ALA D 12 -26.85 -15.69 -20.46
C ALA D 12 -26.42 -14.94 -19.20
N GLU D 13 -27.32 -14.80 -18.21
CA GLU D 13 -26.87 -14.23 -16.95
C GLU D 13 -25.90 -15.17 -16.24
N MSE D 14 -26.12 -16.47 -16.40
CA MSE D 14 -25.33 -17.47 -15.74
C MSE D 14 -25.13 -18.70 -16.61
O MSE D 14 -26.05 -19.15 -17.29
CB MSE D 14 -25.99 -17.82 -14.38
CG MSE D 14 -25.28 -18.93 -13.62
SE MSE D 14 -25.94 -19.17 -11.82
CE MSE D 14 -27.86 -19.55 -12.22
N ALA D 15 -23.94 -19.27 -16.55
CA ALA D 15 -23.65 -20.54 -17.23
C ALA D 15 -22.98 -21.48 -16.25
N LEU D 16 -23.44 -22.74 -16.22
CA LEU D 16 -22.88 -23.77 -15.37
C LEU D 16 -22.12 -24.74 -16.27
N HIS D 17 -20.88 -25.03 -15.91
CA HIS D 17 -20.03 -26.00 -16.61
C HIS D 17 -19.54 -27.00 -15.59
N GLY D 18 -20.17 -28.16 -15.54
CA GLY D 18 -19.88 -29.13 -14.48
C GLY D 18 -20.19 -28.46 -13.15
N ASN D 19 -19.20 -28.38 -12.29
CA ASN D 19 -19.44 -27.71 -11.00
C ASN D 19 -18.81 -26.33 -10.87
N THR D 20 -18.58 -25.69 -12.00
CA THR D 20 -18.12 -24.31 -12.00
C THR D 20 -19.21 -23.40 -12.57
N VAL D 21 -19.47 -22.30 -11.88
CA VAL D 21 -20.50 -21.35 -12.22
C VAL D 21 -19.89 -20.07 -12.73
N TYR D 22 -20.38 -19.57 -13.86
CA TYR D 22 -19.97 -18.28 -14.41
C TYR D 22 -21.17 -17.36 -14.38
N ILE D 23 -21.03 -16.20 -13.76
CA ILE D 23 -22.05 -15.17 -13.78
C ILE D 23 -21.47 -13.92 -14.44
N GLY D 24 -22.16 -13.43 -15.45
CA GLY D 24 -21.73 -12.29 -16.23
C GLY D 24 -21.87 -10.96 -15.52
N GLY D 25 -21.61 -9.87 -16.22
CA GLY D 25 -21.57 -8.56 -15.62
C GLY D 25 -22.85 -8.23 -14.87
N GLN D 26 -22.70 -7.96 -13.59
CA GLN D 26 -23.84 -7.65 -12.71
C GLN D 26 -23.82 -6.20 -12.31
N VAL D 27 -24.93 -5.49 -12.58
CA VAL D 27 -25.09 -4.09 -12.20
C VAL D 27 -26.42 -3.93 -11.43
N ALA D 28 -26.60 -2.79 -10.78
CA ALA D 28 -27.80 -2.59 -9.96
C ALA D 28 -29.03 -2.40 -10.84
N ASP D 29 -30.08 -3.16 -10.56
CA ASP D 29 -31.39 -2.98 -11.22
C ASP D 29 -31.91 -1.55 -11.05
N ASP D 30 -31.69 -0.96 -9.88
CA ASP D 30 -32.05 0.43 -9.66
C ASP D 30 -30.81 1.23 -9.35
N PRO D 31 -30.21 1.87 -10.38
CA PRO D 31 -28.94 2.57 -10.17
C PRO D 31 -29.04 4.03 -9.71
N SER D 32 -30.16 4.41 -9.08
CA SER D 32 -30.25 5.77 -8.54
C SER D 32 -29.63 5.86 -7.15
N GLY D 33 -29.38 4.71 -6.52
CA GLY D 33 -28.81 4.65 -5.17
C GLY D 33 -27.31 4.87 -5.12
N ASP D 34 -26.79 4.98 -3.89
CA ASP D 34 -25.37 5.17 -3.63
C ASP D 34 -24.61 3.85 -3.81
N ILE D 35 -23.30 3.89 -3.60
CA ILE D 35 -22.47 2.70 -3.81
C ILE D 35 -22.91 1.54 -2.92
N GLN D 36 -23.28 1.81 -1.67
CA GLN D 36 -23.66 0.76 -0.76
C GLN D 36 -24.93 0.07 -1.27
N ASP D 37 -25.88 0.89 -1.68
CA ASP D 37 -27.15 0.38 -2.19
C ASP D 37 -26.91 -0.49 -3.42
N GLN D 38 -26.10 0.01 -4.36
CA GLN D 38 -25.84 -0.70 -5.62
C GLN D 38 -25.08 -2.00 -5.39
N THR D 39 -24.12 -1.96 -4.46
CA THR D 39 -23.33 -3.14 -4.12
C THR D 39 -24.24 -4.22 -3.50
N ARG D 40 -25.14 -3.81 -2.59
CA ARG D 40 -26.06 -4.75 -1.97
C ARG D 40 -26.97 -5.39 -3.02
N GLN D 41 -27.53 -4.56 -3.90
CA GLN D 41 -28.41 -5.06 -4.99
C GLN D 41 -27.69 -6.14 -5.81
N ILE D 42 -26.44 -5.85 -6.18
CA ILE D 42 -25.65 -6.76 -6.99
C ILE D 42 -25.35 -8.04 -6.24
N LEU D 43 -24.87 -7.93 -5.00
CA LEU D 43 -24.57 -9.12 -4.24
C LEU D 43 -25.82 -9.94 -3.97
N GLU D 44 -26.98 -9.27 -3.78
CA GLU D 44 -28.19 -10.06 -3.61
CA GLU D 44 -28.26 -9.98 -3.64
C GLU D 44 -28.59 -10.81 -4.88
N ASN D 45 -28.43 -10.19 -6.04
CA ASN D 45 -28.78 -10.89 -7.28
C ASN D 45 -27.81 -12.05 -7.52
N ILE D 46 -26.52 -11.86 -7.21
CA ILE D 46 -25.58 -12.97 -7.24
C ILE D 46 -26.01 -14.11 -6.34
N ASP D 47 -26.45 -13.76 -5.13
CA ASP D 47 -26.90 -14.75 -4.15
C ASP D 47 -28.03 -15.59 -4.72
N ARG D 48 -28.99 -14.89 -5.33
CA ARG D 48 -30.20 -15.54 -5.88
C ARG D 48 -29.79 -16.50 -6.98
N LEU D 49 -28.91 -16.01 -7.86
CA LEU D 49 -28.44 -16.82 -8.97
C LEU D 49 -27.69 -18.05 -8.48
N LEU D 50 -26.76 -17.86 -7.53
CA LEU D 50 -26.01 -18.98 -6.96
C LEU D 50 -26.93 -20.01 -6.33
N GLN D 51 -27.85 -19.55 -5.50
CA GLN D 51 -28.68 -20.51 -4.77
C GLN D 51 -29.61 -21.29 -5.71
N SER D 52 -29.98 -20.66 -6.82
CA SER D 52 -30.87 -21.33 -7.80
C SER D 52 -30.24 -22.59 -8.39
N VAL D 53 -28.91 -22.68 -8.37
CA VAL D 53 -28.20 -23.87 -8.86
C VAL D 53 -27.52 -24.68 -7.78
N GLY D 54 -27.83 -24.39 -6.52
CA GLY D 54 -27.24 -25.16 -5.44
C GLY D 54 -25.89 -24.67 -4.96
N SER D 55 -25.50 -23.46 -5.35
CA SER D 55 -24.30 -22.81 -4.81
C SER D 55 -24.75 -21.79 -3.75
N ASP D 56 -23.79 -21.01 -3.24
CA ASP D 56 -24.11 -20.07 -2.17
C ASP D 56 -22.94 -19.10 -2.02
N ARG D 57 -23.11 -18.07 -1.21
CA ARG D 57 -22.11 -16.99 -1.13
C ARG D 57 -20.81 -17.41 -0.48
N GLY D 58 -20.78 -18.60 0.11
CA GLY D 58 -19.55 -19.16 0.67
C GLY D 58 -18.76 -19.96 -0.36
N GLN D 59 -19.23 -20.03 -1.61
CA GLN D 59 -18.60 -20.87 -2.63
C GLN D 59 -18.09 -20.03 -3.81
N VAL D 60 -17.96 -18.72 -3.63
CA VAL D 60 -17.48 -17.91 -4.75
C VAL D 60 -15.96 -18.01 -4.82
N LEU D 61 -15.45 -17.99 -6.04
CA LEU D 61 -14.00 -18.21 -6.25
C LEU D 61 -13.31 -16.91 -6.63
N SER D 62 -13.88 -16.17 -7.59
CA SER D 62 -13.28 -14.90 -8.02
C SER D 62 -14.35 -13.89 -8.32
N VAL D 63 -14.09 -12.62 -7.98
CA VAL D 63 -14.97 -11.52 -8.39
C VAL D 63 -14.12 -10.40 -8.95
N ARG D 64 -14.42 -10.01 -10.19
CA ARG D 64 -13.81 -8.83 -10.78
C ARG D 64 -14.73 -7.68 -10.49
N ILE D 65 -14.19 -6.64 -9.88
CA ILE D 65 -15.00 -5.47 -9.47
C ILE D 65 -14.57 -4.25 -10.23
N LEU D 66 -15.48 -3.70 -11.04
CA LEU D 66 -15.23 -2.51 -11.83
C LEU D 66 -15.96 -1.37 -11.13
N LEU D 67 -15.20 -0.40 -10.64
CA LEU D 67 -15.74 0.66 -9.81
C LEU D 67 -15.72 1.96 -10.60
N ALA D 68 -16.85 2.67 -10.64
CA ALA D 68 -16.93 3.88 -11.47
C ALA D 68 -16.18 5.09 -10.92
N HIS D 69 -16.18 5.23 -9.59
CA HIS D 69 -15.71 6.45 -8.92
C HIS D 69 -14.88 6.11 -7.70
N ARG D 70 -13.69 6.69 -7.64
CA ARG D 70 -12.76 6.47 -6.54
C ARG D 70 -13.35 6.71 -5.15
N GLU D 71 -14.17 7.77 -5.03
CA GLU D 71 -14.75 8.13 -3.74
C GLU D 71 -15.74 7.09 -3.21
N ASP D 72 -16.12 6.13 -4.06
CA ASP D 72 -17.04 5.05 -3.67
C ASP D 72 -16.35 3.79 -3.16
N TYR D 73 -15.02 3.78 -3.16
CA TYR D 73 -14.28 2.59 -2.80
C TYR D 73 -14.57 2.14 -1.35
N ALA D 74 -14.53 3.09 -0.41
CA ALA D 74 -14.82 2.74 0.98
C ALA D 74 -16.22 2.15 1.17
N GLY D 75 -17.23 2.71 0.49
CA GLY D 75 -18.61 2.21 0.57
C GLY D 75 -18.77 0.81 0.00
N LEU D 76 -18.10 0.56 -1.12
CA LEU D 76 -18.07 -0.78 -1.70
C LEU D 76 -17.55 -1.75 -0.67
N ASN D 77 -16.42 -1.39 -0.05
CA ASN D 77 -15.80 -2.34 0.88
C ASN D 77 -16.56 -2.53 2.18
N GLN D 78 -17.28 -1.48 2.59
CA GLN D 78 -18.14 -1.55 3.77
C GLN D 78 -19.16 -2.69 3.62
N VAL D 79 -19.83 -2.72 2.47
CA VAL D 79 -20.81 -3.78 2.22
C VAL D 79 -20.13 -5.14 2.04
N TRP D 80 -19.06 -5.17 1.22
CA TRP D 80 -18.30 -6.39 1.01
C TRP D 80 -17.93 -7.07 2.34
N ASP D 81 -17.43 -6.26 3.28
CA ASP D 81 -16.99 -6.77 4.57
C ASP D 81 -18.14 -7.24 5.48
N GLN D 82 -19.35 -6.82 5.15
CA GLN D 82 -20.55 -7.23 5.89
C GLN D 82 -21.27 -8.40 5.31
N TRP D 83 -20.81 -8.89 4.15
CA TRP D 83 -21.60 -9.81 3.35
C TRP D 83 -21.23 -11.28 3.48
N PHE D 84 -19.93 -11.57 3.45
CA PHE D 84 -19.47 -12.95 3.34
C PHE D 84 -19.13 -13.58 4.68
N PRO D 85 -19.38 -14.91 4.81
CA PRO D 85 -18.97 -15.61 6.04
C PRO D 85 -17.47 -15.45 6.28
N GLU D 86 -17.06 -15.39 7.54
CA GLU D 86 -15.66 -15.15 7.89
C GLU D 86 -14.76 -16.18 7.22
N GLY D 87 -13.73 -15.68 6.56
CA GLY D 87 -12.72 -16.53 5.95
C GLY D 87 -13.10 -17.12 4.60
N ARG D 88 -14.34 -16.92 4.16
CA ARG D 88 -14.83 -17.54 2.92
CA ARG D 88 -14.82 -17.54 2.93
C ARG D 88 -15.10 -16.54 1.80
N ALA D 89 -14.73 -15.28 1.99
CA ALA D 89 -14.88 -14.32 0.91
C ALA D 89 -14.03 -14.72 -0.31
N PRO D 90 -14.56 -14.44 -1.50
CA PRO D 90 -13.78 -14.86 -2.67
C PRO D 90 -12.60 -13.95 -2.96
N THR D 91 -11.70 -14.46 -3.79
CA THR D 91 -10.64 -13.59 -4.33
C THR D 91 -11.29 -12.49 -5.14
N ARG D 92 -10.64 -11.33 -5.20
CA ARG D 92 -11.19 -10.18 -5.90
C ARG D 92 -10.10 -9.35 -6.52
N ALA D 93 -10.48 -8.57 -7.50
CA ALA D 93 -9.58 -7.57 -8.09
C ALA D 93 -10.42 -6.38 -8.48
N CYS D 94 -10.10 -5.23 -7.92
CA CYS D 94 -10.92 -4.03 -8.11
C CYS D 94 -10.09 -2.98 -8.77
N SER D 95 -10.63 -2.36 -9.81
CA SER D 95 -9.98 -1.19 -10.44
C SER D 95 -11.06 -0.20 -10.91
N LEU D 96 -10.65 0.98 -11.31
CA LEU D 96 -11.62 1.99 -11.72
C LEU D 96 -11.88 1.79 -13.20
N ALA D 97 -13.15 1.89 -13.60
CA ALA D 97 -13.51 1.69 -14.99
C ALA D 97 -14.67 2.60 -15.36
N GLU D 98 -14.72 3.00 -16.63
CA GLU D 98 -15.91 3.63 -17.19
C GLU D 98 -16.90 2.54 -17.65
N LEU D 99 -18.10 2.57 -17.07
CA LEU D 99 -19.13 1.59 -17.37
C LEU D 99 -20.07 2.13 -18.43
N ILE D 100 -20.86 1.25 -19.04
CA ILE D 100 -21.67 1.66 -20.18
C ILE D 100 -22.74 2.67 -19.77
N ASP D 101 -23.41 2.44 -18.64
CA ASP D 101 -24.44 3.36 -18.16
C ASP D 101 -23.80 4.23 -17.08
N PRO D 102 -23.84 5.56 -17.24
CA PRO D 102 -23.16 6.44 -16.29
C PRO D 102 -23.76 6.40 -14.88
N ARG D 103 -24.96 5.83 -14.74
CA ARG D 103 -25.60 5.70 -13.45
C ARG D 103 -25.03 4.55 -12.60
N TRP D 104 -24.39 3.58 -13.24
CA TRP D 104 -23.85 2.43 -12.54
C TRP D 104 -22.60 2.81 -11.78
N ARG D 105 -22.55 2.50 -10.49
CA ARG D 105 -21.39 2.87 -9.68
C ARG D 105 -20.43 1.70 -9.60
N VAL D 106 -20.90 0.50 -9.95
CA VAL D 106 -20.07 -0.69 -9.82
C VAL D 106 -20.65 -1.81 -10.68
N GLU D 107 -19.77 -2.69 -11.15
CA GLU D 107 -20.17 -3.86 -11.89
C GLU D 107 -19.28 -5.01 -11.43
N MSE D 108 -19.86 -6.18 -11.24
CA MSE D 108 -19.12 -7.37 -10.78
C MSE D 108 -19.26 -8.51 -11.76
O MSE D 108 -20.33 -8.68 -12.38
CB MSE D 108 -19.65 -7.84 -9.44
CG MSE D 108 -19.29 -6.84 -8.34
SE MSE D 108 -19.79 -7.53 -6.60
CE MSE D 108 -19.46 -5.95 -5.54
N ILE D 109 -18.20 -9.31 -11.85
CA ILE D 109 -18.16 -10.49 -12.74
C ILE D 109 -17.67 -11.65 -11.90
N VAL D 110 -18.34 -12.77 -11.94
CA VAL D 110 -18.16 -13.81 -10.94
C VAL D 110 -17.86 -15.19 -11.50
N VAL D 111 -16.92 -15.88 -10.87
CA VAL D 111 -16.76 -17.31 -11.01
C VAL D 111 -16.94 -17.96 -9.65
N ALA D 112 -17.72 -19.04 -9.58
CA ALA D 112 -18.05 -19.69 -8.31
C ALA D 112 -18.02 -21.19 -8.48
N ALA D 113 -17.99 -21.90 -7.36
CA ALA D 113 -18.13 -23.36 -7.36
C ALA D 113 -19.55 -23.77 -7.02
N ARG D 114 -19.90 -24.97 -7.43
CA ARG D 114 -21.18 -25.53 -7.08
C ARG D 114 -20.90 -26.88 -6.49
N GLU D 115 -20.61 -26.90 -5.20
CA GLU D 115 -20.25 -28.14 -4.51
C GLU D 115 -21.29 -28.45 -3.44
N GLY D 116 -21.36 -29.71 -3.05
CA GLY D 116 -22.42 -30.20 -2.17
C GLY D 116 -23.73 -30.41 -2.92
N HIS D 117 -24.75 -30.81 -2.17
CA HIS D 117 -26.11 -30.88 -2.69
C HIS D 117 -26.98 -30.06 -1.75
N HIS D 118 -26.75 -28.75 -1.78
CA HIS D 118 -27.42 -27.84 -0.86
C HIS D 118 -28.67 -27.30 -1.50
N HIS D 119 -29.77 -27.39 -0.77
CA HIS D 119 -31.05 -26.90 -1.26
C HIS D 119 -31.29 -25.53 -0.67
N HIS D 120 -31.93 -24.68 -1.46
CA HIS D 120 -32.27 -23.33 -1.02
C HIS D 120 -33.72 -23.03 -1.39
N HIS E 1 10.28 11.95 39.36
CA HIS E 1 11.44 12.56 38.66
C HIS E 1 11.88 11.64 37.52
N ILE E 2 12.84 12.09 36.72
CA ILE E 2 13.33 11.29 35.62
C ILE E 2 14.31 10.23 36.12
N GLU E 3 14.12 8.98 35.68
CA GLU E 3 15.10 7.93 35.92
C GLU E 3 15.87 7.66 34.65
N ARG E 4 17.18 7.51 34.75
CA ARG E 4 18.01 7.29 33.57
C ARG E 4 18.81 6.01 33.70
N PHE E 5 19.10 5.38 32.56
CA PHE E 5 19.72 4.05 32.52
C PHE E 5 20.87 4.00 31.54
N GLU E 6 21.95 3.32 31.93
CA GLU E 6 23.15 3.20 31.10
C GLU E 6 23.62 4.60 30.65
N VAL E 7 24.05 5.36 31.64
CA VAL E 7 24.32 6.79 31.46
C VAL E 7 25.81 7.10 31.52
N VAL E 8 26.26 7.88 30.56
CA VAL E 8 27.61 8.43 30.56
C VAL E 8 27.51 9.91 30.19
N LYS E 9 28.63 10.61 30.16
CA LYS E 9 28.63 12.03 29.81
C LYS E 9 27.89 12.31 28.50
N ARG E 10 28.08 11.44 27.51
CA ARG E 10 27.47 11.69 26.21
C ARG E 10 25.96 11.47 26.15
N ARG E 11 25.46 10.49 26.88
CA ARG E 11 24.05 10.14 26.73
C ARG E 11 23.61 9.15 27.79
N ALA E 12 22.31 9.13 28.05
CA ALA E 12 21.63 7.99 28.66
C ALA E 12 21.15 7.10 27.53
N GLU E 13 21.30 5.78 27.64
CA GLU E 13 20.65 4.91 26.66
C GLU E 13 19.13 5.02 26.76
N MSE E 14 18.60 5.20 27.96
CA MSE E 14 17.17 5.24 28.18
C MSE E 14 16.86 6.22 29.30
O MSE E 14 17.59 6.28 30.30
CB MSE E 14 16.65 3.83 28.56
CG MSE E 14 15.18 3.75 28.85
SE MSE E 14 14.58 1.91 29.04
CE MSE E 14 15.77 1.32 30.44
N ALA E 15 15.76 6.94 29.15
CA ALA E 15 15.22 7.82 30.17
C ALA E 15 13.75 7.54 30.37
N LEU E 16 13.34 7.44 31.63
CA LEU E 16 11.95 7.20 32.00
C LEU E 16 11.39 8.46 32.62
N HIS E 17 10.22 8.85 32.16
CA HIS E 17 9.52 10.04 32.69
C HIS E 17 8.10 9.60 32.99
N GLY E 18 7.82 9.37 34.27
CA GLY E 18 6.53 8.80 34.69
C GLY E 18 6.40 7.42 34.06
N ASN E 19 5.44 7.29 33.15
CA ASN E 19 5.21 6.03 32.46
C ASN E 19 5.55 6.06 30.98
N THR E 20 6.34 7.05 30.58
CA THR E 20 6.83 7.14 29.22
C THR E 20 8.32 6.87 29.18
N VAL E 21 8.72 6.02 28.23
CA VAL E 21 10.10 5.60 28.06
C VAL E 21 10.69 6.17 26.79
N TYR E 22 11.88 6.76 26.90
CA TYR E 22 12.60 7.26 25.75
C TYR E 22 13.89 6.46 25.60
N ILE E 23 14.10 5.89 24.42
CA ILE E 23 15.33 5.17 24.12
C ILE E 23 16.01 5.87 22.96
N GLY E 24 17.29 6.23 23.15
CA GLY E 24 18.03 6.97 22.14
C GLY E 24 18.48 6.10 20.99
N GLY E 25 19.30 6.66 20.12
CA GLY E 25 19.72 5.95 18.90
C GLY E 25 20.29 4.57 19.17
N GLN E 26 19.65 3.56 18.55
CA GLN E 26 20.07 2.19 18.74
C GLN E 26 20.62 1.64 17.43
N VAL E 27 21.83 1.09 17.50
CA VAL E 27 22.53 0.53 16.34
C VAL E 27 23.01 -0.88 16.72
N ALA E 28 23.43 -1.66 15.73
CA ALA E 28 23.84 -3.04 16.02
C ALA E 28 25.19 -3.04 16.70
N ASP E 29 25.30 -3.80 17.79
CA ASP E 29 26.59 -4.00 18.48
C ASP E 29 27.65 -4.59 17.54
N ASP E 30 27.20 -5.49 16.67
CA ASP E 30 28.09 -6.10 15.68
C ASP E 30 27.52 -5.79 14.32
N PRO E 31 28.01 -4.72 13.70
CA PRO E 31 27.46 -4.28 12.41
C PRO E 31 28.12 -4.94 11.21
N SER E 32 28.76 -6.10 11.41
CA SER E 32 29.30 -6.84 10.27
C SER E 32 28.21 -7.52 9.45
N GLY E 33 27.02 -7.61 10.02
CA GLY E 33 25.93 -8.39 9.46
C GLY E 33 25.03 -7.63 8.51
N ASP E 34 24.08 -8.35 7.92
CA ASP E 34 23.16 -7.77 6.97
C ASP E 34 22.00 -7.05 7.68
N ILE E 35 21.12 -6.46 6.90
CA ILE E 35 20.05 -5.64 7.50
C ILE E 35 19.19 -6.47 8.45
N GLN E 36 18.90 -7.71 8.10
CA GLN E 36 18.06 -8.53 8.97
C GLN E 36 18.76 -8.78 10.29
N ASP E 37 20.06 -9.07 10.25
CA ASP E 37 20.79 -9.32 11.48
C ASP E 37 20.88 -8.07 12.35
N GLN E 38 21.21 -6.95 11.72
CA GLN E 38 21.33 -5.70 12.46
C GLN E 38 19.98 -5.29 13.06
N THR E 39 18.91 -5.50 12.30
CA THR E 39 17.58 -5.15 12.80
C THR E 39 17.23 -5.99 14.03
N ARG E 40 17.47 -7.31 13.96
CA ARG E 40 17.20 -8.18 15.11
C ARG E 40 18.06 -7.79 16.32
N GLN E 41 19.34 -7.46 16.12
CA GLN E 41 20.22 -7.06 17.22
C GLN E 41 19.61 -5.85 17.94
N ILE E 42 19.18 -4.86 17.14
CA ILE E 42 18.63 -3.61 17.69
C ILE E 42 17.34 -3.88 18.45
N LEU E 43 16.44 -4.67 17.85
CA LEU E 43 15.18 -4.93 18.48
C LEU E 43 15.36 -5.76 19.76
N GLU E 44 16.34 -6.66 19.75
CA GLU E 44 16.61 -7.42 20.98
C GLU E 44 17.23 -6.57 22.08
N ASN E 45 18.05 -5.59 21.70
CA ASN E 45 18.53 -4.66 22.71
C ASN E 45 17.39 -3.78 23.27
N ILE E 46 16.48 -3.37 22.39
CA ILE E 46 15.29 -2.68 22.83
C ILE E 46 14.46 -3.54 23.80
N ASP E 47 14.29 -4.84 23.52
CA ASP E 47 13.62 -5.72 24.47
C ASP E 47 14.29 -5.62 25.85
N ARG E 48 15.61 -5.76 25.87
CA ARG E 48 16.35 -5.76 27.14
C ARG E 48 16.19 -4.45 27.90
N LEU E 49 16.24 -3.32 27.18
CA LEU E 49 16.09 -2.03 27.84
C LEU E 49 14.68 -1.89 28.39
N LEU E 50 13.67 -2.19 27.57
CA LEU E 50 12.29 -2.08 28.04
C LEU E 50 12.03 -2.98 29.24
N GLN E 51 12.49 -4.23 29.14
CA GLN E 51 12.23 -5.20 30.23
C GLN E 51 12.87 -4.76 31.53
N SER E 52 14.01 -4.05 31.45
CA SER E 52 14.72 -3.57 32.66
C SER E 52 13.90 -2.56 33.45
N VAL E 53 12.90 -1.92 32.82
CA VAL E 53 11.99 -1.01 33.53
C VAL E 53 10.56 -1.51 33.61
N GLY E 54 10.37 -2.80 33.32
CA GLY E 54 9.07 -3.43 33.43
C GLY E 54 8.15 -3.18 32.25
N SER E 55 8.73 -2.87 31.09
CA SER E 55 7.99 -2.71 29.84
C SER E 55 8.31 -3.92 28.95
N ASP E 56 7.79 -3.93 27.72
CA ASP E 56 8.02 -5.05 26.80
C ASP E 56 7.73 -4.61 25.38
N ARG E 57 7.95 -5.51 24.41
CA ARG E 57 7.82 -5.14 22.98
C ARG E 57 6.37 -4.93 22.56
N GLY E 58 5.44 -5.17 23.47
CA GLY E 58 4.02 -4.88 23.23
C GLY E 58 3.61 -3.47 23.64
N GLN E 59 4.55 -2.70 24.18
CA GLN E 59 4.22 -1.35 24.71
C GLN E 59 4.99 -0.25 24.02
N VAL E 60 5.45 -0.48 22.80
CA VAL E 60 6.21 0.56 22.08
C VAL E 60 5.20 1.49 21.40
N LEU E 61 5.53 2.79 21.35
CA LEU E 61 4.60 3.80 20.80
C LEU E 61 5.02 4.29 19.44
N SER E 62 6.29 4.66 19.32
CA SER E 62 6.83 5.15 18.06
C SER E 62 8.25 4.70 17.85
N VAL E 63 8.60 4.41 16.60
CA VAL E 63 9.97 4.13 16.23
C VAL E 63 10.34 4.91 14.98
N ARG E 64 11.38 5.72 15.09
CA ARG E 64 11.95 6.38 13.94
C ARG E 64 13.05 5.48 13.41
N ILE E 65 12.99 5.15 12.12
CA ILE E 65 13.91 4.21 11.51
C ILE E 65 14.73 4.95 10.48
N LEU E 66 16.02 5.02 10.75
CA LEU E 66 16.98 5.63 9.82
C LEU E 66 17.69 4.52 9.07
N LEU E 67 17.42 4.41 7.77
CA LEU E 67 17.95 3.32 6.96
C LEU E 67 19.12 3.82 6.10
N ALA E 68 20.25 3.11 6.13
CA ALA E 68 21.45 3.57 5.40
C ALA E 68 21.37 3.38 3.89
N HIS E 69 20.79 2.26 3.46
CA HIS E 69 20.78 1.88 2.02
C HIS E 69 19.38 1.45 1.59
N ARG E 70 18.90 2.05 0.48
CA ARG E 70 17.57 1.77 -0.01
C ARG E 70 17.29 0.28 -0.24
N GLU E 71 18.31 -0.44 -0.69
CA GLU E 71 18.14 -1.86 -1.04
C GLU E 71 17.88 -2.71 0.20
N ASP E 72 18.19 -2.17 1.37
CA ASP E 72 17.97 -2.88 2.64
C ASP E 72 16.55 -2.76 3.18
N TYR E 73 15.69 -2.00 2.51
CA TYR E 73 14.33 -1.79 3.00
C TYR E 73 13.54 -3.09 3.13
N ALA E 74 13.64 -3.95 2.13
CA ALA E 74 12.86 -5.21 2.17
C ALA E 74 13.26 -6.08 3.35
N GLY E 75 14.56 -6.17 3.61
CA GLY E 75 15.09 -6.99 4.74
C GLY E 75 14.65 -6.41 6.08
N LEU E 76 14.63 -5.09 6.17
CA LEU E 76 14.16 -4.43 7.37
C LEU E 76 12.71 -4.81 7.66
N ASN E 77 11.87 -4.74 6.64
CA ASN E 77 10.45 -5.03 6.79
C ASN E 77 10.17 -6.51 7.06
N GLN E 78 11.00 -7.38 6.47
CA GLN E 78 10.90 -8.83 6.70
C GLN E 78 10.91 -9.10 8.19
N VAL E 79 11.85 -8.48 8.88
CA VAL E 79 11.98 -8.67 10.33
C VAL E 79 10.88 -7.92 11.05
N TRP E 80 10.72 -6.64 10.74
CA TRP E 80 9.69 -5.82 11.41
C TRP E 80 8.30 -6.42 11.43
N ASP E 81 7.84 -6.88 10.26
CA ASP E 81 6.46 -7.28 10.07
C ASP E 81 6.07 -8.57 10.77
N GLN E 82 7.07 -9.29 11.29
CA GLN E 82 6.80 -10.50 12.06
CA GLN E 82 6.81 -10.51 12.09
C GLN E 82 7.25 -10.39 13.53
N TRP E 83 7.77 -9.24 13.91
CA TRP E 83 8.39 -9.11 15.23
C TRP E 83 7.40 -8.93 16.38
N PHE E 84 6.39 -8.10 16.17
CA PHE E 84 5.60 -7.61 17.27
C PHE E 84 4.39 -8.50 17.58
N PRO E 85 3.89 -8.44 18.84
CA PRO E 85 2.64 -9.12 19.21
C PRO E 85 1.45 -8.62 18.38
N GLU E 86 0.45 -9.49 18.26
CA GLU E 86 -0.75 -9.23 17.47
C GLU E 86 -1.34 -7.83 17.66
N GLY E 87 -1.33 -7.05 16.58
CA GLY E 87 -1.92 -5.70 16.57
C GLY E 87 -1.24 -4.66 17.42
N ARG E 88 -0.09 -5.01 17.98
CA ARG E 88 0.59 -4.10 18.89
C ARG E 88 1.86 -3.47 18.33
N ALA E 89 2.15 -3.63 17.04
CA ALA E 89 3.34 -2.96 16.50
C ALA E 89 3.23 -1.44 16.67
N PRO E 90 4.35 -0.79 17.00
CA PRO E 90 4.32 0.66 17.15
C PRO E 90 4.19 1.40 15.81
N THR E 91 3.78 2.66 15.89
CA THR E 91 3.91 3.54 14.74
C THR E 91 5.37 3.68 14.33
N ARG E 92 5.61 3.90 13.06
CA ARG E 92 6.97 3.99 12.56
C ARG E 92 7.06 5.00 11.43
N ALA E 93 8.26 5.52 11.22
CA ALA E 93 8.55 6.37 10.07
C ALA E 93 9.97 6.07 9.66
N CYS E 94 10.14 5.68 8.41
CA CYS E 94 11.41 5.25 7.86
C CYS E 94 11.83 6.14 6.70
N SER E 95 13.07 6.60 6.72
CA SER E 95 13.64 7.29 5.58
C SER E 95 15.10 6.95 5.50
N LEU E 96 15.75 7.39 4.43
CA LEU E 96 17.17 7.14 4.25
C LEU E 96 17.96 8.21 4.97
N ALA E 97 19.07 7.81 5.58
CA ALA E 97 19.94 8.74 6.29
C ALA E 97 21.36 8.26 6.17
N GLU E 98 22.28 9.22 6.18
CA GLU E 98 23.69 8.90 6.37
C GLU E 98 23.97 8.84 7.88
N LEU E 99 24.44 7.69 8.35
CA LEU E 99 24.70 7.48 9.77
C LEU E 99 26.18 7.69 10.11
N ILE E 100 26.51 7.86 11.39
CA ILE E 100 27.88 8.24 11.81
C ILE E 100 28.92 7.17 11.43
N ASP E 101 28.57 5.92 11.63
CA ASP E 101 29.44 4.80 11.27
C ASP E 101 28.90 4.19 9.97
N PRO E 102 29.70 4.18 8.89
CA PRO E 102 29.27 3.60 7.61
C PRO E 102 28.91 2.12 7.67
N ARG E 103 29.30 1.41 8.72
CA ARG E 103 28.92 0.00 8.84
C ARG E 103 27.47 -0.22 9.32
N TRP E 104 26.88 0.79 9.96
CA TRP E 104 25.50 0.66 10.45
C TRP E 104 24.52 0.68 9.28
N ARG E 105 23.64 -0.33 9.20
CA ARG E 105 22.66 -0.40 8.13
C ARG E 105 21.36 0.25 8.54
N VAL E 106 21.20 0.44 9.85
CA VAL E 106 19.97 0.98 10.39
C VAL E 106 20.18 1.53 11.78
N GLU E 107 19.38 2.54 12.14
CA GLU E 107 19.38 3.07 13.49
C GLU E 107 17.94 3.36 13.87
N MSE E 108 17.57 3.03 15.11
CA MSE E 108 16.19 3.24 15.61
C MSE E 108 16.16 4.14 16.81
O MSE E 108 17.05 4.09 17.66
CB MSE E 108 15.53 1.89 15.96
CG MSE E 108 15.30 1.06 14.73
SE MSE E 108 14.35 -0.56 15.14
CE MSE E 108 14.54 -1.46 13.43
N ILE E 109 15.11 4.94 16.91
CA ILE E 109 14.93 5.85 18.04
C ILE E 109 13.53 5.57 18.55
N VAL E 110 13.34 5.41 19.86
CA VAL E 110 12.11 4.79 20.36
C VAL E 110 11.44 5.61 21.44
N VAL E 111 10.12 5.70 21.36
CA VAL E 111 9.29 6.11 22.50
C VAL E 111 8.38 4.93 22.85
N ALA E 112 8.31 4.60 24.13
CA ALA E 112 7.50 3.47 24.60
C ALA E 112 6.78 3.83 25.90
N ALA E 113 5.95 2.92 26.40
CA ALA E 113 5.24 3.13 27.65
C ALA E 113 5.61 2.04 28.62
N ARG E 114 5.33 2.33 29.88
CA ARG E 114 5.45 1.34 30.93
C ARG E 114 4.20 1.45 31.78
N GLU E 115 3.41 0.40 31.86
CA GLU E 115 2.17 0.47 32.59
C GLU E 115 2.41 0.31 34.10
N HIS F 1 -4.50 21.28 28.71
CA HIS F 1 -4.42 22.52 27.87
C HIS F 1 -2.97 22.94 27.60
N ILE F 2 -2.57 22.75 26.35
CA ILE F 2 -1.24 23.02 25.84
C ILE F 2 -0.88 24.49 25.94
N GLU F 3 0.31 24.77 26.48
CA GLU F 3 0.85 26.11 26.50
C GLU F 3 1.95 26.21 25.48
N ARG F 4 1.89 27.24 24.65
CA ARG F 4 2.89 27.44 23.63
C ARG F 4 3.66 28.72 23.88
N PHE F 5 4.91 28.73 23.47
CA PHE F 5 5.87 29.82 23.69
C PHE F 5 6.61 30.20 22.41
N GLU F 6 6.82 31.50 22.22
CA GLU F 6 7.47 32.06 21.04
C GLU F 6 6.82 31.53 19.75
N VAL F 7 5.56 31.90 19.59
CA VAL F 7 4.69 31.33 18.54
C VAL F 7 4.45 32.32 17.40
N VAL F 8 4.61 31.80 16.18
CA VAL F 8 4.31 32.53 14.93
C VAL F 8 3.48 31.56 14.05
N LYS F 9 3.00 32.03 12.90
CA LYS F 9 2.23 31.17 12.02
C LYS F 9 2.96 29.86 11.70
N ARG F 10 4.27 29.94 11.52
CA ARG F 10 5.01 28.77 11.08
C ARG F 10 5.22 27.75 12.20
N ARG F 11 5.39 28.22 13.43
CA ARG F 11 5.76 27.30 14.52
C ARG F 11 5.66 27.93 15.88
N ALA F 12 5.51 27.09 16.89
CA ALA F 12 5.88 27.46 18.27
C ALA F 12 7.29 27.02 18.49
N GLU F 13 8.11 27.84 19.13
CA GLU F 13 9.44 27.35 19.55
C GLU F 13 9.32 26.22 20.57
N MSE F 14 8.32 26.28 21.43
CA MSE F 14 8.17 25.32 22.49
C MSE F 14 6.70 25.14 22.81
O MSE F 14 5.93 26.09 22.78
CB MSE F 14 9.00 25.80 23.71
CG MSE F 14 8.78 25.01 24.97
SE MSE F 14 9.99 25.52 26.41
CE MSE F 14 9.45 27.42 26.50
N ALA F 15 6.31 23.91 23.13
CA ALA F 15 4.96 23.59 23.55
C ALA F 15 5.05 22.72 24.79
N LEU F 16 4.26 23.06 25.80
CA LEU F 16 4.21 22.33 27.06
C LEU F 16 2.87 21.59 27.18
N HIS F 17 2.91 20.30 27.41
CA HIS F 17 1.74 19.46 27.51
C HIS F 17 1.84 18.74 28.84
N GLY F 18 1.03 19.15 29.81
CA GLY F 18 1.16 18.68 31.19
C GLY F 18 2.57 18.92 31.69
N ASN F 19 3.31 17.85 31.98
CA ASN F 19 4.69 18.02 32.42
C ASN F 19 5.76 17.59 31.41
N THR F 20 5.39 17.56 30.13
CA THR F 20 6.33 17.32 29.04
C THR F 20 6.51 18.57 28.16
N VAL F 21 7.76 18.85 27.83
CA VAL F 21 8.20 20.00 27.03
C VAL F 21 8.67 19.52 25.67
N TYR F 22 8.15 20.13 24.62
CA TYR F 22 8.60 19.89 23.25
C TYR F 22 9.23 21.16 22.76
N ILE F 23 10.48 21.08 22.31
CA ILE F 23 11.16 22.22 21.69
C ILE F 23 11.49 21.84 20.27
N GLY F 24 11.06 22.65 19.29
CA GLY F 24 11.30 22.32 17.88
C GLY F 24 12.68 22.60 17.40
N GLY F 25 12.87 22.50 16.09
CA GLY F 25 14.20 22.57 15.50
C GLY F 25 14.94 23.82 15.96
N GLN F 26 16.11 23.60 16.55
CA GLN F 26 16.93 24.70 17.09
C GLN F 26 18.17 24.80 16.28
N VAL F 27 18.45 26.01 15.78
CA VAL F 27 19.65 26.29 15.02
C VAL F 27 20.33 27.52 15.62
N ALA F 28 21.58 27.74 15.24
CA ALA F 28 22.32 28.91 15.75
C ALA F 28 21.75 30.21 15.19
N ASP F 29 21.50 31.16 16.10
CA ASP F 29 21.10 32.53 15.73
C ASP F 29 22.15 33.19 14.85
N ASP F 30 23.42 32.91 15.16
CA ASP F 30 24.53 33.38 14.34
C ASP F 30 25.30 32.19 13.77
N PRO F 31 24.93 31.77 12.55
CA PRO F 31 25.55 30.57 11.99
C PRO F 31 26.85 30.82 11.22
N SER F 32 27.50 31.95 11.48
CA SER F 32 28.82 32.20 10.93
C SER F 32 29.91 31.39 11.63
N GLY F 33 29.62 30.96 12.86
CA GLY F 33 30.58 30.23 13.69
C GLY F 33 30.84 28.77 13.31
N ASP F 34 31.84 28.19 13.94
CA ASP F 34 32.17 26.78 13.71
C ASP F 34 31.20 25.92 14.49
N ILE F 35 31.37 24.61 14.41
CA ILE F 35 30.44 23.67 15.08
C ILE F 35 30.38 23.86 16.58
N GLN F 36 31.53 24.10 17.22
CA GLN F 36 31.56 24.34 18.66
C GLN F 36 30.71 25.54 19.09
N ASP F 37 30.81 26.63 18.33
CA ASP F 37 30.11 27.88 18.61
C ASP F 37 28.59 27.72 18.37
N GLN F 38 28.23 27.05 17.28
CA GLN F 38 26.81 26.81 16.98
C GLN F 38 26.17 25.88 18.03
N THR F 39 26.88 24.83 18.40
CA THR F 39 26.41 23.88 19.42
C THR F 39 26.16 24.61 20.75
N ARG F 40 27.10 25.48 21.12
CA ARG F 40 26.98 26.28 22.33
CA ARG F 40 26.96 26.26 22.34
C ARG F 40 25.76 27.19 22.26
N GLN F 41 25.60 27.88 21.13
CA GLN F 41 24.45 28.78 20.96
C GLN F 41 23.13 28.04 21.16
N ILE F 42 23.03 26.86 20.53
CA ILE F 42 21.80 26.07 20.59
C ILE F 42 21.53 25.57 22.00
N LEU F 43 22.56 25.00 22.66
CA LEU F 43 22.37 24.53 24.03
C LEU F 43 22.00 25.66 24.99
N GLU F 44 22.58 26.85 24.78
CA GLU F 44 22.23 28.00 25.60
C GLU F 44 20.79 28.44 25.37
N ASN F 45 20.34 28.43 24.11
CA ASN F 45 18.95 28.76 23.83
CA ASN F 45 18.96 28.75 23.77
C ASN F 45 18.00 27.74 24.42
N ILE F 46 18.37 26.46 24.38
CA ILE F 46 17.54 25.44 25.01
C ILE F 46 17.47 25.66 26.53
N ASP F 47 18.61 26.02 27.14
CA ASP F 47 18.67 26.39 28.57
C ASP F 47 17.65 27.50 28.87
N ARG F 48 17.67 28.55 28.05
CA ARG F 48 16.77 29.70 28.22
C ARG F 48 15.30 29.30 28.10
N LEU F 49 14.98 28.50 27.08
CA LEU F 49 13.62 28.04 26.91
C LEU F 49 13.14 27.19 28.11
N LEU F 50 13.99 26.26 28.55
CA LEU F 50 13.63 25.41 29.66
C LEU F 50 13.39 26.20 30.93
N GLN F 51 14.28 27.15 31.20
CA GLN F 51 14.21 28.02 32.36
C GLN F 51 12.91 28.81 32.38
N SER F 52 12.48 29.28 31.22
CA SER F 52 11.24 30.04 31.12
C SER F 52 9.96 29.24 31.47
N VAL F 53 10.03 27.90 31.42
CA VAL F 53 8.87 27.10 31.81
C VAL F 53 9.00 26.36 33.14
N GLY F 54 10.08 26.62 33.86
CA GLY F 54 10.28 26.01 35.17
C GLY F 54 10.98 24.66 35.07
N SER F 55 11.65 24.43 33.94
CA SER F 55 12.46 23.24 33.73
C SER F 55 13.93 23.65 33.85
N ASP F 56 14.83 22.71 33.60
CA ASP F 56 16.25 22.97 33.63
C ASP F 56 17.05 21.96 32.81
N ARG F 57 18.36 22.20 32.74
CA ARG F 57 19.29 21.44 31.94
C ARG F 57 19.37 19.95 32.33
N GLY F 58 18.97 19.64 33.54
CA GLY F 58 19.02 18.27 34.04
C GLY F 58 17.74 17.50 33.73
N GLN F 59 16.79 18.13 33.05
CA GLN F 59 15.47 17.51 32.82
C GLN F 59 15.21 17.16 31.35
N VAL F 60 16.28 17.05 30.58
CA VAL F 60 16.15 16.72 29.15
C VAL F 60 16.01 15.19 28.96
N LEU F 61 15.02 14.81 28.14
CA LEU F 61 14.70 13.37 27.89
C LEU F 61 15.30 12.85 26.60
N SER F 62 15.16 13.60 25.49
CA SER F 62 15.68 13.16 24.21
C SER F 62 16.14 14.33 23.42
N VAL F 63 17.23 14.15 22.71
CA VAL F 63 17.70 15.15 21.78
C VAL F 63 18.01 14.47 20.46
N ARG F 64 17.36 14.90 19.39
CA ARG F 64 17.72 14.48 18.04
C ARG F 64 18.71 15.50 17.49
N ILE F 65 19.87 15.05 17.06
CA ILE F 65 20.90 15.94 16.52
C ILE F 65 21.11 15.66 15.04
N LEU F 66 20.82 16.68 14.23
CA LEU F 66 21.03 16.62 12.79
C LEU F 66 22.31 17.40 12.48
N LEU F 67 23.33 16.68 12.05
CA LEU F 67 24.66 17.26 11.82
C LEU F 67 24.90 17.43 10.33
N ALA F 68 25.30 18.64 9.92
CA ALA F 68 25.49 18.89 8.49
C ALA F 68 26.73 18.22 7.87
N HIS F 69 27.84 18.17 8.62
CA HIS F 69 29.12 17.75 8.06
C HIS F 69 29.82 16.79 9.01
N ARG F 70 30.24 15.66 8.44
CA ARG F 70 30.98 14.63 9.17
C ARG F 70 32.19 15.20 9.93
N GLU F 71 32.92 16.10 9.27
CA GLU F 71 34.11 16.71 9.88
C GLU F 71 33.81 17.41 11.21
N ASP F 72 32.56 17.83 11.41
CA ASP F 72 32.15 18.58 12.61
C ASP F 72 31.74 17.70 13.83
N TYR F 73 31.74 16.38 13.68
CA TYR F 73 31.29 15.46 14.76
C TYR F 73 32.08 15.59 16.07
N ALA F 74 33.41 15.68 15.95
CA ALA F 74 34.26 15.75 17.14
C ALA F 74 34.01 17.05 17.89
N GLY F 75 33.84 18.15 17.14
CA GLY F 75 33.59 19.48 17.71
C GLY F 75 32.24 19.59 18.40
N LEU F 76 31.24 18.98 17.79
CA LEU F 76 29.92 18.87 18.41
C LEU F 76 30.05 18.20 19.77
N ASN F 77 30.73 17.05 19.78
CA ASN F 77 30.88 16.26 20.99
C ASN F 77 31.78 16.94 22.01
N GLN F 78 32.75 17.72 21.54
CA GLN F 78 33.61 18.48 22.47
C GLN F 78 32.79 19.35 23.41
N VAL F 79 31.81 20.06 22.87
CA VAL F 79 30.93 20.91 23.65
C VAL F 79 29.87 20.09 24.36
N TRP F 80 29.22 19.19 23.62
CA TRP F 80 28.11 18.43 24.18
C TRP F 80 28.51 17.60 25.39
N ASP F 81 29.67 16.96 25.31
CA ASP F 81 30.11 16.00 26.36
C ASP F 81 30.43 16.66 27.69
N GLN F 82 30.55 17.99 27.72
CA GLN F 82 30.86 18.68 28.97
CA GLN F 82 30.85 18.67 28.97
C GLN F 82 29.67 19.49 29.47
N TRP F 83 28.54 19.36 28.79
CA TRP F 83 27.37 20.19 29.05
C TRP F 83 26.44 19.76 30.17
N PHE F 84 26.10 18.48 30.23
CA PHE F 84 25.00 18.10 31.10
C PHE F 84 25.44 17.80 32.51
N PRO F 85 24.55 18.02 33.50
CA PRO F 85 24.89 17.63 34.87
C PRO F 85 25.22 16.15 34.97
N GLU F 86 26.03 15.81 35.96
CA GLU F 86 26.48 14.46 36.13
C GLU F 86 25.32 13.46 36.23
N GLY F 87 25.38 12.46 35.37
CA GLY F 87 24.36 11.42 35.30
C GLY F 87 23.00 11.85 34.74
N ARG F 88 22.94 13.04 34.15
CA ARG F 88 21.67 13.56 33.67
C ARG F 88 21.67 13.88 32.18
N ALA F 89 22.64 13.35 31.42
CA ALA F 89 22.56 13.48 29.95
C ALA F 89 21.24 12.87 29.44
N PRO F 90 20.67 13.48 28.40
CA PRO F 90 19.46 12.91 27.81
C PRO F 90 19.78 11.70 26.92
N THR F 91 18.72 11.04 26.46
CA THR F 91 18.93 10.13 25.32
C THR F 91 19.25 10.97 24.08
N ARG F 92 19.96 10.40 23.13
CA ARG F 92 20.52 11.13 22.01
C ARG F 92 20.50 10.28 20.76
N ALA F 93 20.24 10.91 19.62
CA ALA F 93 20.41 10.25 18.35
C ALA F 93 20.95 11.25 17.34
N CYS F 94 22.17 11.01 16.88
CA CYS F 94 22.84 11.92 15.96
C CYS F 94 23.05 11.24 14.63
N SER F 95 22.67 11.91 13.53
CA SER F 95 23.01 11.45 12.19
C SER F 95 23.35 12.65 11.27
N LEU F 96 23.84 12.36 10.07
CA LEU F 96 24.12 13.43 9.12
C LEU F 96 22.83 13.78 8.39
N ALA F 97 22.64 15.06 8.11
CA ALA F 97 21.42 15.49 7.42
C ALA F 97 21.75 16.68 6.59
N GLU F 98 20.95 16.93 5.57
CA GLU F 98 21.05 18.15 4.79
C GLU F 98 20.02 19.12 5.36
N LEU F 99 20.50 20.27 5.83
CA LEU F 99 19.64 21.23 6.48
C LEU F 99 19.20 22.30 5.49
N ILE F 100 18.16 23.03 5.84
CA ILE F 100 17.58 24.04 4.93
C ILE F 100 18.58 25.17 4.59
N ASP F 101 19.21 25.74 5.61
CA ASP F 101 20.18 26.80 5.40
C ASP F 101 21.57 26.19 5.40
N PRO F 102 22.34 26.39 4.32
CA PRO F 102 23.69 25.82 4.22
C PRO F 102 24.65 26.28 5.33
N ARG F 103 24.34 27.39 5.99
CA ARG F 103 25.21 27.92 7.03
C ARG F 103 25.07 27.14 8.35
N TRP F 104 23.96 26.44 8.52
CA TRP F 104 23.73 25.69 9.77
C TRP F 104 24.58 24.43 9.79
N ARG F 105 25.32 24.24 10.87
CA ARG F 105 26.19 23.08 11.01
C ARG F 105 25.47 22.01 11.83
N VAL F 106 24.44 22.40 12.54
CA VAL F 106 23.71 21.46 13.41
C VAL F 106 22.31 21.98 13.71
N GLU F 107 21.38 21.05 13.90
CA GLU F 107 20.04 21.39 14.33
C GLU F 107 19.63 20.37 15.39
N MSE F 108 19.00 20.82 16.46
CA MSE F 108 18.57 19.93 17.53
C MSE F 108 17.08 19.98 17.76
O MSE F 108 16.47 21.03 17.65
CB MSE F 108 19.29 20.25 18.84
CG MSE F 108 20.78 20.14 18.70
SE MSE F 108 21.64 20.22 20.45
CE MSE F 108 23.46 20.58 19.88
N ILE F 109 16.49 18.85 18.12
CA ILE F 109 15.07 18.77 18.39
C ILE F 109 14.97 18.10 19.76
N VAL F 110 14.15 18.61 20.67
CA VAL F 110 14.23 18.27 22.09
C VAL F 110 12.91 17.90 22.69
N VAL F 111 12.92 16.87 23.53
CA VAL F 111 11.82 16.57 24.43
C VAL F 111 12.39 16.61 25.85
N ALA F 112 11.71 17.31 26.75
CA ALA F 112 12.15 17.45 28.15
C ALA F 112 10.98 17.33 29.12
N ALA F 113 11.30 17.34 30.41
CA ALA F 113 10.27 17.28 31.44
C ALA F 113 10.29 18.57 32.24
N ARG F 114 9.20 18.84 32.95
CA ARG F 114 9.27 19.84 34.00
C ARG F 114 8.61 19.36 35.28
C1 GOL G . -22.13 -6.73 -21.35
O1 GOL G . -23.28 -7.51 -21.47
C2 GOL G . -22.43 -5.27 -21.07
O2 GOL G . -23.20 -4.61 -22.07
C3 GOL G . -22.81 -5.04 -19.61
O3 GOL G . -21.71 -5.50 -18.83
C1 GOL H . 8.48 3.42 5.75
O1 GOL H . 7.76 2.25 5.44
C2 GOL H . 7.67 4.67 5.42
O2 GOL H . 7.91 5.02 4.07
C3 GOL H . 8.22 5.83 6.19
O3 GOL H . 7.27 6.26 7.08
#